data_4EZK
#
_entry.id   4EZK
#
_cell.length_a   140.730
_cell.length_b   67.190
_cell.length_c   106.020
_cell.angle_alpha   90.00
_cell.angle_beta   96.76
_cell.angle_gamma   90.00
#
_symmetry.space_group_name_H-M   'C 1 2 1'
#
loop_
_entity.id
_entity.type
_entity.pdbx_description
1 polymer 'Phosphatidylinositol 4,5-bisphosphate 3-kinase catalytic subunit gamma isoform'
2 non-polymer 2-(1-{[2-(2H-indazol-4-yl)-4-(morpholin-4-yl)pyrido[3,2-d]pyrimidin-6-yl]methyl}piperidin-4-yl)propan-2-ol
3 water water
#
_entity_poly.entity_id   1
_entity_poly.type   'polypeptide(L)'
_entity_poly.pdbx_seq_one_letter_code
;MSEESQAFQRQLTALIGYDVTDVSNVHDDELEFTRRGLVTPRMAEVASRDPKLYAMHPWVTSKPLPEYLWKKIANNCIFI
VIHRSTTSQTIKVSPDDTPGAILQSFFTKMAKKKSLMDIPESQSEQDFVLRVCGRDEYLVGETPIKNFQWVRHCLKNGEE
IHVVLDTPPDPALDEVRKEEWPLVDDCTGVTGYHEQLTIHGKDHESVFTVSLWDCDRKFRVKIRGIDIPVLPRNTDLTVF
VEANIQHGQQVLCQRRTSPKPFTEEVLWNVWLEFSIKIKDLPKGALLNLQIYCGKAPALSSKASAESPSSESKGKVQLLY
YVNLLLIDHRFLLRRGEYVLHMWQISGKGEDQGSFNADKLTSATNPDKENSMSISILLDNYCHPIALPKHQPTPDPEGDR
VRAEMPNQLRKQLEAIIATDPLNPLTAEDKELLWHFRYESLKHPKAYPKLFSSVKWGQQEIVAKTYQLLARREVWDQSAL
DVGLTMQLLDCNFSDENVRAIAVQKLESLEDDDVLHYLLQLVQAVKFEPYHDSALARFLLKRGLRNKRIGHFLFWFLRSE
IAQSRHYQQRFAVILEAYLRGCGTAMLHDFTQQVQVIEMLQKVTLDIKSLSAEKYDVSSQVISQLKQKLENLQNSQLPES
FRVPYDPGLKAGALAIEKCTVMASKKKPLWLEFKCADPTALSNETIGIIFKHGDDLRQDMLILQILRIMESIWETESLDL
CLLPYGCISTGDKIGMIEIVKDATTIAKIQQSTVGNTGAFKDEVLNHWLKEKSPTEEKFQAAVERFVYSCAGYCVATFVL
GIGDRHNDNIMITETGNLFHIDFGHILGNYKSFLGINKERVPFVLTPDFLFVMGTSGKKTSPHFQKFQDICVKAYLALRH
HTNLLIILFSMMLMTGMPQLTSKEDIEYIRDALTVGKNEEDAKKYFLDQIEVCRDKGWTVQFNWFLHLVLGIKQGEKHSA
HHHHHH
;
_entity_poly.pdbx_strand_id   A
#
loop_
_chem_comp.id
_chem_comp.type
_chem_comp.name
_chem_comp.formula
0SD non-polymer 2-(1-{[2-(2H-indazol-4-yl)-4-(morpholin-4-yl)pyrido[3,2-d]pyrimidin-6-yl]methyl}piperidin-4-yl)propan-2-ol 'C27 H33 N7 O2'
#
# COMPACT_ATOMS: atom_id res chain seq x y z
N MET A 1 19.12 31.70 -1.63
CA MET A 1 19.66 30.86 -0.57
C MET A 1 21.18 30.75 -0.67
N SER A 2 21.80 30.08 0.31
CA SER A 2 23.23 29.84 0.34
C SER A 2 23.68 28.83 -0.72
N GLU A 3 24.95 28.89 -1.12
CA GLU A 3 25.49 27.97 -2.13
C GLU A 3 25.37 26.52 -1.64
N GLU A 4 25.68 26.29 -0.38
CA GLU A 4 25.52 24.97 0.23
C GLU A 4 24.04 24.61 0.42
N SER A 5 23.16 25.61 0.38
CA SER A 5 21.72 25.38 0.49
C SER A 5 21.18 24.93 -0.86
N GLN A 6 21.92 25.28 -1.92
CA GLN A 6 21.62 24.84 -3.28
C GLN A 6 22.19 23.44 -3.59
N ALA A 7 23.31 23.09 -2.97
CA ALA A 7 23.88 21.75 -3.10
C ALA A 7 22.97 20.77 -2.39
N PHE A 8 22.27 21.28 -1.37
CA PHE A 8 21.39 20.45 -0.57
C PHE A 8 20.10 20.14 -1.34
N GLN A 9 19.58 21.13 -2.06
CA GLN A 9 18.34 20.95 -2.83
C GLN A 9 18.52 20.01 -4.01
N ARG A 10 19.69 20.03 -4.64
CA ARG A 10 19.95 19.14 -5.76
C ARG A 10 20.20 17.73 -5.26
N GLN A 11 20.60 17.64 -4.00
CA GLN A 11 20.73 16.34 -3.32
C GLN A 11 19.34 15.76 -3.14
N LEU A 12 18.46 16.56 -2.55
CA LEU A 12 17.04 16.25 -2.41
C LEU A 12 16.37 15.86 -3.73
N THR A 13 16.59 16.63 -4.78
CA THR A 13 16.00 16.32 -6.09
C THR A 13 16.39 14.93 -6.62
N ALA A 14 17.66 14.56 -6.49
CA ALA A 14 18.10 13.25 -6.93
C ALA A 14 17.42 12.16 -6.11
N LEU A 15 17.23 12.44 -4.81
CA LEU A 15 16.59 11.51 -3.89
C LEU A 15 15.11 11.37 -4.19
N ILE A 16 14.48 12.51 -4.49
CA ILE A 16 13.08 12.59 -4.77
C ILE A 16 12.77 11.98 -6.14
N GLY A 17 13.57 12.33 -7.14
CA GLY A 17 13.35 11.88 -8.51
C GLY A 17 12.53 12.87 -9.29
N TYR A 18 12.48 14.10 -8.78
CA TYR A 18 11.70 15.18 -9.37
C TYR A 18 12.20 16.48 -8.72
N ASP A 19 12.29 17.54 -9.51
CA ASP A 19 12.70 18.86 -9.02
C ASP A 19 11.52 19.71 -8.54
N VAL A 20 11.34 19.81 -7.22
CA VAL A 20 10.20 20.58 -6.68
C VAL A 20 10.29 22.09 -6.96
N THR A 21 11.49 22.64 -6.92
CA THR A 21 11.72 24.07 -7.22
C THR A 21 11.35 24.49 -8.66
N ASP A 22 11.08 23.52 -9.52
CA ASP A 22 10.72 23.80 -10.91
C ASP A 22 9.32 24.37 -11.00
N VAL A 23 9.10 25.26 -11.96
CA VAL A 23 7.85 26.03 -12.04
C VAL A 23 7.20 25.98 -13.43
N SER A 24 7.68 25.08 -14.29
CA SER A 24 7.18 24.97 -15.66
C SER A 24 5.72 24.54 -15.75
N ASN A 25 5.32 23.59 -14.91
CA ASN A 25 3.97 23.02 -14.95
C ASN A 25 3.06 23.52 -13.83
N VAL A 26 2.92 24.84 -13.70
CA VAL A 26 2.01 25.41 -12.71
C VAL A 26 1.25 26.60 -13.29
N HIS A 27 0.07 26.84 -12.73
CA HIS A 27 -0.78 27.95 -13.15
C HIS A 27 -1.26 28.67 -11.90
N ASP A 28 -0.60 28.40 -10.77
CA ASP A 28 -0.78 29.14 -9.53
C ASP A 28 0.38 28.78 -8.66
N ASP A 29 0.27 29.06 -7.36
CA ASP A 29 1.38 28.79 -6.46
C ASP A 29 1.03 27.80 -5.35
N GLU A 30 0.14 26.84 -5.65
CA GLU A 30 -0.32 25.89 -4.62
C GLU A 30 0.84 25.05 -4.09
N LEU A 31 1.63 24.51 -5.01
CA LEU A 31 2.78 23.70 -4.66
C LEU A 31 3.81 24.51 -3.85
N GLU A 32 4.11 25.73 -4.27
CA GLU A 32 5.09 26.55 -3.56
C GLU A 32 4.63 26.94 -2.15
N PHE A 33 3.37 27.35 -2.06
CA PHE A 33 2.74 27.70 -0.80
C PHE A 33 2.60 26.49 0.12
N THR A 34 2.71 25.29 -0.46
CA THR A 34 2.59 24.05 0.31
C THR A 34 3.96 23.64 0.85
N ARG A 35 5.01 23.88 0.07
CA ARG A 35 6.37 23.67 0.56
C ARG A 35 6.53 24.57 1.76
N ARG A 36 6.09 25.82 1.60
CA ARG A 36 6.18 26.79 2.68
C ARG A 36 5.30 26.36 3.85
N GLY A 37 4.13 25.82 3.52
CA GLY A 37 3.13 25.48 4.52
C GLY A 37 3.56 24.33 5.41
N LEU A 38 4.36 23.44 4.84
CA LEU A 38 4.77 22.25 5.56
C LEU A 38 6.05 22.47 6.37
N VAL A 39 6.62 23.67 6.32
CA VAL A 39 7.82 23.95 7.12
C VAL A 39 7.49 23.79 8.61
N THR A 40 6.38 24.37 9.05
CA THR A 40 5.92 24.26 10.45
C THR A 40 5.70 22.84 10.98
N PRO A 41 4.83 22.05 10.33
CA PRO A 41 4.65 20.72 10.93
C PRO A 41 5.91 19.87 10.89
N ARG A 42 6.84 20.16 9.98
CA ARG A 42 8.11 19.42 9.99
C ARG A 42 8.93 19.85 11.20
N MET A 43 8.93 21.16 11.48
CA MET A 43 9.70 21.69 12.59
C MET A 43 9.08 21.46 13.96
N ALA A 44 7.77 21.35 14.05
CA ALA A 44 7.13 20.99 15.31
C ALA A 44 7.49 19.57 15.73
N GLU A 45 7.51 18.66 14.75
CA GLU A 45 7.75 17.24 14.96
C GLU A 45 9.24 16.90 15.20
N VAL A 46 10.13 17.59 14.52
CA VAL A 46 11.55 17.45 14.74
C VAL A 46 11.96 17.97 16.13
N ALA A 47 11.30 19.04 16.57
CA ALA A 47 11.53 19.61 17.90
C ALA A 47 11.05 18.69 19.02
N SER A 48 9.96 17.96 18.79
CA SER A 48 9.33 17.21 19.87
C SER A 48 9.83 15.76 20.08
N ARG A 49 10.47 15.17 19.08
CA ARG A 49 10.89 13.77 19.20
C ARG A 49 12.15 13.57 20.05
N ASP A 50 12.14 12.51 20.85
CA ASP A 50 13.27 12.13 21.69
C ASP A 50 14.38 11.64 20.80
N PRO A 51 15.56 12.28 20.86
CA PRO A 51 16.69 11.89 20.01
C PRO A 51 17.08 10.43 20.17
N LYS A 52 17.19 9.99 21.43
CA LYS A 52 17.61 8.62 21.75
C LYS A 52 16.64 7.57 21.20
N LEU A 53 15.35 7.69 21.53
CA LEU A 53 14.35 6.74 21.01
C LEU A 53 14.20 6.82 19.49
N TYR A 54 14.47 7.98 18.92
CA TYR A 54 14.42 8.14 17.46
C TYR A 54 15.62 7.48 16.77
N ALA A 55 16.80 7.62 17.36
CA ALA A 55 17.99 6.98 16.83
C ALA A 55 17.88 5.45 16.83
N MET A 56 17.20 4.91 17.84
CA MET A 56 17.16 3.46 18.04
C MET A 56 15.87 2.80 17.55
N HIS A 57 14.89 3.63 17.22
CA HIS A 57 13.63 3.19 16.61
C HIS A 57 13.05 1.85 17.08
N PRO A 58 12.87 1.65 18.40
CA PRO A 58 12.29 0.40 18.91
C PRO A 58 10.98 0.09 18.22
N TRP A 59 10.87 -1.13 17.68
CA TRP A 59 9.66 -1.57 17.00
C TRP A 59 8.91 -2.40 18.00
N VAL A 60 7.67 -2.02 18.26
CA VAL A 60 7.00 -2.49 19.45
C VAL A 60 5.49 -2.35 19.32
N THR A 61 4.74 -2.95 20.24
CA THR A 61 3.27 -3.02 20.13
C THR A 61 2.52 -3.12 21.47
N SER A 62 1.26 -2.68 21.45
CA SER A 62 0.39 -2.74 22.62
C SER A 62 -0.61 -3.88 22.51
N LYS A 63 -0.67 -4.52 21.34
CA LYS A 63 -1.59 -5.62 21.15
C LYS A 63 -1.24 -6.73 22.14
N PRO A 64 -2.25 -7.42 22.69
CA PRO A 64 -1.95 -8.54 23.57
C PRO A 64 -1.25 -9.67 22.83
N LEU A 65 -0.43 -10.43 23.54
CA LEU A 65 0.14 -11.65 22.99
C LEU A 65 -0.97 -12.61 22.59
N PRO A 66 -1.00 -13.01 21.31
CA PRO A 66 -2.02 -13.99 20.87
C PRO A 66 -1.85 -15.35 21.54
N GLU A 67 -2.93 -16.13 21.60
CA GLU A 67 -2.94 -17.44 22.27
C GLU A 67 -1.82 -18.38 21.82
N TYR A 68 -1.67 -18.54 20.51
CA TYR A 68 -0.65 -19.43 19.93
C TYR A 68 0.78 -19.11 20.37
N LEU A 69 0.99 -17.93 20.92
CA LEU A 69 2.30 -17.55 21.44
C LEU A 69 2.38 -17.78 22.95
N TRP A 70 1.22 -17.89 23.61
CA TRP A 70 1.19 -18.21 25.04
C TRP A 70 1.37 -19.70 25.30
N LYS A 71 0.92 -20.53 24.37
CA LYS A 71 1.15 -21.97 24.43
C LYS A 71 2.63 -22.27 24.20
N LYS A 72 3.35 -21.33 23.58
CA LYS A 72 4.77 -21.46 23.32
C LYS A 72 5.59 -21.07 24.55
N ILE A 73 4.96 -20.40 25.51
CA ILE A 73 5.61 -20.13 26.80
C ILE A 73 4.83 -20.75 27.94
N ALA A 74 4.97 -22.07 28.08
CA ALA A 74 4.24 -22.78 29.12
C ALA A 74 5.02 -22.77 30.44
N ASN A 75 6.17 -22.07 30.45
CA ASN A 75 7.01 -21.97 31.65
C ASN A 75 7.02 -20.55 32.21
N ASN A 76 6.36 -19.64 31.48
CA ASN A 76 6.31 -18.21 31.80
C ASN A 76 7.71 -17.61 31.92
N CYS A 77 8.61 -18.12 31.07
CA CYS A 77 10.00 -17.75 31.08
C CYS A 77 10.49 -17.75 29.63
N ILE A 78 11.15 -16.67 29.24
CA ILE A 78 11.65 -16.53 27.88
C ILE A 78 13.17 -16.46 27.91
N PHE A 79 13.84 -17.18 27.01
CA PHE A 79 15.30 -17.21 27.00
C PHE A 79 15.92 -16.19 26.01
N ILE A 80 16.90 -15.43 26.51
CA ILE A 80 17.65 -14.49 25.68
C ILE A 80 19.16 -14.79 25.77
N VAL A 81 19.84 -14.79 24.62
CA VAL A 81 21.29 -14.95 24.58
C VAL A 81 21.96 -13.61 24.34
N ILE A 82 22.86 -13.21 25.23
CA ILE A 82 23.56 -11.95 25.06
C ILE A 82 25.01 -12.18 24.66
N HIS A 83 25.35 -11.83 23.42
CA HIS A 83 26.69 -12.05 22.85
C HIS A 83 27.62 -10.85 23.02
N ARG A 84 28.89 -11.22 23.14
CA ARG A 84 30.09 -10.41 23.06
C ARG A 84 30.99 -11.32 22.23
N SER A 85 32.06 -10.78 21.65
CA SER A 85 32.82 -11.53 20.65
C SER A 85 33.46 -12.84 21.15
N THR A 86 34.01 -12.85 22.36
CA THR A 86 34.70 -14.02 22.89
C THR A 86 33.82 -14.93 23.75
N THR A 87 32.54 -14.59 23.85
CA THR A 87 31.63 -15.20 24.84
C THR A 87 30.16 -14.77 24.65
N SER A 88 29.26 -15.52 25.28
CA SER A 88 27.82 -15.28 25.18
C SER A 88 27.11 -16.12 26.23
N GLN A 89 26.22 -15.50 27.00
CA GLN A 89 25.50 -16.21 28.05
C GLN A 89 23.97 -16.12 27.92
N THR A 90 23.30 -17.23 28.17
CA THR A 90 21.83 -17.32 28.09
C THR A 90 21.19 -16.85 29.40
N ILE A 91 20.12 -16.06 29.31
CA ILE A 91 19.42 -15.58 30.50
C ILE A 91 17.90 -15.81 30.50
N LYS A 92 17.39 -16.43 31.57
CA LYS A 92 15.96 -16.66 31.75
C LYS A 92 15.29 -15.35 32.17
N VAL A 93 14.27 -14.97 31.42
CA VAL A 93 13.63 -13.67 31.55
C VAL A 93 12.11 -13.80 31.74
N SER A 94 11.54 -12.96 32.60
CA SER A 94 10.09 -12.88 32.74
C SER A 94 9.50 -12.12 31.53
N PRO A 95 8.28 -12.48 31.07
CA PRO A 95 7.76 -11.78 29.89
C PRO A 95 7.48 -10.30 30.13
N ASP A 96 7.33 -9.91 31.39
CA ASP A 96 7.01 -8.52 31.71
C ASP A 96 8.25 -7.62 31.86
N ASP A 97 9.44 -8.23 31.90
CA ASP A 97 10.69 -7.51 32.12
C ASP A 97 10.99 -6.47 31.03
N THR A 98 11.41 -5.28 31.45
CA THR A 98 11.85 -4.20 30.56
C THR A 98 13.30 -4.46 30.12
N PRO A 99 13.67 -4.03 28.89
CA PRO A 99 15.08 -4.24 28.49
C PRO A 99 16.12 -3.71 29.49
N GLY A 100 15.83 -2.61 30.17
CA GLY A 100 16.71 -2.10 31.21
C GLY A 100 16.85 -3.05 32.40
N ALA A 101 15.71 -3.63 32.80
CA ALA A 101 15.67 -4.63 33.88
C ALA A 101 16.60 -5.78 33.59
N ILE A 102 16.59 -6.29 32.36
CA ILE A 102 17.51 -7.37 32.01
C ILE A 102 18.96 -6.92 31.87
N LEU A 103 19.18 -5.69 31.43
CA LEU A 103 20.53 -5.12 31.36
C LEU A 103 21.08 -4.98 32.79
N GLN A 104 20.23 -4.49 33.68
CA GLN A 104 20.57 -4.35 35.08
C GLN A 104 20.83 -5.72 35.73
N SER A 105 20.13 -6.73 35.23
CA SER A 105 20.26 -8.11 35.72
C SER A 105 21.46 -8.83 35.09
N PHE A 106 21.96 -8.32 33.98
CA PHE A 106 23.10 -8.94 33.31
C PHE A 106 24.42 -8.54 33.96
N PHE A 107 24.40 -7.45 34.73
CA PHE A 107 25.59 -7.01 35.46
C PHE A 107 25.66 -7.75 36.79
N THR A 108 24.50 -8.14 37.29
CA THR A 108 24.39 -8.91 38.53
C THR A 108 24.74 -10.39 38.33
N LYS A 109 24.26 -10.97 37.23
CA LYS A 109 24.52 -12.39 36.94
C LYS A 109 25.79 -12.59 36.12
N MET A 110 26.94 -12.30 36.74
CA MET A 110 28.24 -12.45 36.09
C MET A 110 29.08 -13.12 37.19
N ALA A 111 29.20 -12.47 38.35
CA ALA A 111 30.15 -12.79 39.41
C ALA A 111 31.59 -12.40 39.07
N GLU A 125 29.48 2.83 32.75
CA GLU A 125 29.45 1.42 32.39
C GLU A 125 28.03 0.91 32.12
N GLN A 126 27.03 1.61 32.64
CA GLN A 126 25.63 1.24 32.40
C GLN A 126 25.08 1.95 31.16
N ASP A 127 25.96 2.19 30.19
CA ASP A 127 25.64 2.91 28.96
C ASP A 127 25.70 2.01 27.72
N PHE A 128 24.93 0.92 27.72
CA PHE A 128 24.89 -0.02 26.60
C PHE A 128 23.45 -0.42 26.24
N VAL A 129 23.29 -1.08 25.10
CA VAL A 129 21.98 -1.38 24.53
C VAL A 129 21.90 -2.82 24.04
N LEU A 130 20.70 -3.40 24.13
CA LEU A 130 20.47 -4.73 23.55
C LEU A 130 20.06 -4.68 22.06
N ARG A 131 21.01 -4.90 21.17
CA ARG A 131 20.68 -4.89 19.75
C ARG A 131 20.49 -6.31 19.25
N VAL A 132 19.65 -6.50 18.25
CA VAL A 132 19.49 -7.84 17.71
C VAL A 132 20.69 -8.17 16.83
N CYS A 133 21.21 -9.39 16.98
CA CYS A 133 22.31 -9.85 16.14
C CYS A 133 21.90 -9.95 14.66
N GLY A 134 22.63 -9.24 13.80
CA GLY A 134 22.41 -9.26 12.36
C GLY A 134 21.52 -8.18 11.79
N ARG A 135 20.64 -7.64 12.62
CA ARG A 135 19.69 -6.62 12.20
C ARG A 135 19.95 -5.28 12.88
N ASP A 136 19.61 -4.21 12.18
CA ASP A 136 19.62 -2.89 12.77
C ASP A 136 18.33 -2.75 13.54
N GLU A 137 18.26 -3.46 14.67
CA GLU A 137 17.05 -3.54 15.49
C GLU A 137 17.44 -3.47 16.98
N TYR A 138 16.98 -2.45 17.69
CA TYR A 138 17.35 -2.32 19.10
C TYR A 138 16.18 -2.54 20.03
N LEU A 139 16.40 -3.37 21.05
CA LEU A 139 15.44 -3.60 22.14
C LEU A 139 15.70 -2.65 23.32
N VAL A 140 14.97 -1.54 23.35
CA VAL A 140 15.13 -0.49 24.36
C VAL A 140 13.81 0.20 24.70
N GLY A 141 13.85 1.01 25.76
CA GLY A 141 12.74 1.81 26.22
C GLY A 141 11.78 1.08 27.14
N GLU A 142 10.92 1.83 27.83
CA GLU A 142 9.99 1.24 28.80
C GLU A 142 8.83 0.46 28.14
N THR A 143 9.13 -0.73 27.63
CA THR A 143 8.13 -1.66 27.07
C THR A 143 8.54 -3.04 27.53
N PRO A 144 7.57 -3.92 27.83
CA PRO A 144 7.93 -5.29 28.25
C PRO A 144 8.38 -6.11 27.06
N ILE A 145 9.39 -6.96 27.22
CA ILE A 145 9.94 -7.68 26.07
C ILE A 145 8.93 -8.51 25.26
N LYS A 146 7.83 -8.91 25.88
CA LYS A 146 6.77 -9.58 25.13
C LYS A 146 6.22 -8.65 24.01
N ASN A 147 6.17 -7.36 24.32
CA ASN A 147 5.62 -6.36 23.42
C ASN A 147 6.52 -5.97 22.26
N PHE A 148 7.73 -6.51 22.18
CA PHE A 148 8.64 -6.20 21.06
C PHE A 148 8.38 -7.15 19.88
N GLN A 149 8.17 -6.61 18.68
CA GLN A 149 7.77 -7.41 17.52
C GLN A 149 8.81 -8.43 17.07
N TRP A 150 10.08 -8.15 17.35
CA TRP A 150 11.13 -9.11 17.01
C TRP A 150 11.11 -10.27 18.01
N VAL A 151 10.68 -10.01 19.25
CA VAL A 151 10.50 -11.11 20.20
C VAL A 151 9.38 -12.06 19.79
N ARG A 152 8.27 -11.49 19.32
CA ARG A 152 7.11 -12.26 18.85
C ARG A 152 7.39 -12.97 17.52
N HIS A 153 8.35 -12.45 16.77
CA HIS A 153 8.74 -13.07 15.51
C HIS A 153 9.44 -14.41 15.77
N CYS A 154 10.37 -14.44 16.71
CA CYS A 154 11.10 -15.65 17.10
C CYS A 154 10.22 -16.68 17.81
N LEU A 155 9.28 -16.20 18.60
CA LEU A 155 8.35 -17.08 19.31
C LEU A 155 7.39 -17.80 18.36
N LYS A 156 7.12 -17.18 17.21
CA LYS A 156 6.20 -17.75 16.23
C LYS A 156 6.89 -18.79 15.34
N ASN A 157 8.09 -18.45 14.85
CA ASN A 157 8.82 -19.31 13.92
C ASN A 157 9.85 -20.24 14.58
N GLY A 158 9.71 -20.44 15.89
CA GLY A 158 10.57 -21.33 16.64
C GLY A 158 12.05 -21.01 16.46
N GLU A 159 12.41 -19.75 16.67
CA GLU A 159 13.80 -19.33 16.63
C GLU A 159 14.24 -18.86 17.99
N GLU A 160 15.54 -18.63 18.14
CA GLU A 160 16.12 -18.15 19.39
C GLU A 160 16.32 -16.65 19.36
N ILE A 161 16.20 -15.99 20.51
CA ILE A 161 16.39 -14.54 20.60
C ILE A 161 17.85 -14.18 20.90
N HIS A 162 18.63 -14.11 19.84
CA HIS A 162 20.04 -13.73 19.90
C HIS A 162 20.19 -12.20 19.89
N VAL A 163 20.91 -11.68 20.87
CA VAL A 163 21.09 -10.24 21.03
C VAL A 163 22.57 -9.92 21.36
N VAL A 164 23.01 -8.70 21.13
CA VAL A 164 24.38 -8.32 21.47
C VAL A 164 24.40 -7.00 22.25
N LEU A 165 25.19 -6.96 23.32
CA LEU A 165 25.34 -5.75 24.12
C LEU A 165 26.33 -4.79 23.47
N ASP A 166 25.82 -3.76 22.76
CA ASP A 166 26.70 -2.74 22.19
C ASP A 166 26.35 -1.31 22.61
N THR A 167 26.97 -0.35 21.95
CA THR A 167 26.87 1.06 22.32
C THR A 167 25.65 1.73 21.66
N PRO A 168 24.91 2.54 22.44
CA PRO A 168 23.77 3.22 21.82
C PRO A 168 24.26 4.11 20.69
N PRO A 169 23.54 4.16 19.57
CA PRO A 169 24.01 5.01 18.46
C PRO A 169 23.95 6.49 18.79
N ASP A 170 24.88 7.22 18.18
CA ASP A 170 25.03 8.66 18.32
C ASP A 170 23.87 9.43 17.64
N PRO A 171 23.00 10.10 18.44
CA PRO A 171 21.95 10.96 17.89
C PRO A 171 22.48 12.16 17.13
N ALA A 172 23.74 12.53 17.37
CA ALA A 172 24.42 13.57 16.58
C ALA A 172 24.34 13.26 15.06
N LEU A 173 24.31 11.97 14.71
CA LEU A 173 24.24 11.54 13.31
C LEU A 173 22.89 11.84 12.67
N ASP A 174 21.89 12.14 13.51
CA ASP A 174 20.53 12.44 13.06
C ASP A 174 20.31 13.93 12.86
N GLU A 175 21.39 14.71 12.89
CA GLU A 175 21.27 16.16 12.84
C GLU A 175 20.44 16.63 11.64
N VAL A 176 19.60 17.63 11.87
CA VAL A 176 18.82 18.24 10.82
C VAL A 176 19.49 19.57 10.52
N ARG A 177 19.86 19.81 9.27
CA ARG A 177 20.55 21.06 8.93
C ARG A 177 19.68 22.29 9.16
N LYS A 178 20.33 23.42 9.49
CA LYS A 178 19.67 24.67 9.85
C LYS A 178 18.67 25.15 8.80
N GLU A 179 17.73 25.99 9.23
CA GLU A 179 16.68 26.49 8.35
C GLU A 179 16.72 28.03 8.20
N GLU A 180 16.33 28.52 7.03
CA GLU A 180 16.32 29.96 6.76
C GLU A 180 15.02 30.62 7.20
N CYS A 215 -21.87 37.51 -2.86
CA CYS A 215 -22.28 37.53 -4.26
C CYS A 215 -23.42 36.56 -4.56
N ASP A 216 -24.52 37.07 -5.10
CA ASP A 216 -25.71 36.25 -5.40
C ASP A 216 -25.80 35.89 -6.89
N ARG A 217 -24.76 36.22 -7.65
CA ARG A 217 -24.71 35.93 -9.08
C ARG A 217 -24.54 34.42 -9.35
N LYS A 218 -24.93 33.98 -10.55
CA LYS A 218 -24.73 32.59 -10.97
C LYS A 218 -23.33 32.43 -11.52
N PHE A 219 -22.78 31.20 -11.44
CA PHE A 219 -21.44 30.92 -11.93
C PHE A 219 -21.37 30.79 -13.46
N ARG A 220 -20.25 31.24 -14.04
CA ARG A 220 -20.05 31.11 -15.48
C ARG A 220 -18.59 30.93 -15.91
N VAL A 221 -18.38 30.11 -16.93
CA VAL A 221 -17.08 29.95 -17.54
C VAL A 221 -17.14 30.12 -19.03
N LYS A 222 -16.21 30.92 -19.54
CA LYS A 222 -16.03 31.13 -20.97
C LYS A 222 -15.02 30.14 -21.56
N ILE A 223 -15.53 29.27 -22.44
CA ILE A 223 -14.72 28.34 -23.21
C ILE A 223 -14.29 29.06 -24.47
N ARG A 224 -12.99 29.30 -24.63
CA ARG A 224 -12.47 29.92 -25.84
C ARG A 224 -12.26 28.89 -26.95
N GLY A 225 -11.49 27.84 -26.66
CA GLY A 225 -11.29 26.75 -27.62
C GLY A 225 -10.39 25.62 -27.14
N ILE A 226 -10.18 24.64 -28.02
CA ILE A 226 -9.20 23.59 -27.80
C ILE A 226 -8.23 23.46 -28.98
N ASP A 227 -6.95 23.35 -28.67
CA ASP A 227 -5.94 23.17 -29.69
C ASP A 227 -5.03 21.94 -29.44
N ILE A 228 -4.77 21.18 -30.51
CA ILE A 228 -3.86 20.03 -30.50
C ILE A 228 -2.94 20.02 -31.73
N PRO A 229 -1.63 19.79 -31.53
CA PRO A 229 -0.70 19.80 -32.67
C PRO A 229 -1.02 18.77 -33.77
N VAL A 230 -0.98 17.49 -33.42
CA VAL A 230 -1.37 16.44 -34.36
C VAL A 230 -2.53 15.63 -33.80
N LEU A 231 -3.61 15.51 -34.57
CA LEU A 231 -4.79 14.85 -34.07
C LEU A 231 -5.06 13.42 -34.58
N PRO A 232 -4.16 12.82 -35.33
CA PRO A 232 -4.59 11.65 -36.11
C PRO A 232 -5.10 10.51 -35.24
N ARG A 233 -6.31 10.05 -35.55
CA ARG A 233 -6.91 8.90 -34.89
C ARG A 233 -7.75 8.05 -35.84
N ASN A 234 -8.88 8.61 -36.26
CA ASN A 234 -9.84 7.92 -37.12
C ASN A 234 -10.65 8.92 -37.96
N THR A 235 -11.27 8.43 -39.04
CA THR A 235 -12.03 9.31 -39.94
C THR A 235 -12.88 10.36 -39.23
N ASP A 236 -13.05 11.50 -39.91
CA ASP A 236 -13.53 12.74 -39.29
C ASP A 236 -14.78 12.61 -38.40
N LEU A 237 -14.62 13.00 -37.12
CA LEU A 237 -15.68 12.94 -36.10
C LEU A 237 -16.00 14.35 -35.57
N THR A 238 -16.99 14.45 -34.69
CA THR A 238 -17.34 15.71 -34.06
C THR A 238 -16.71 15.80 -32.67
N VAL A 239 -16.62 17.01 -32.12
CA VAL A 239 -15.93 17.22 -30.84
C VAL A 239 -16.54 18.36 -30.01
N PHE A 240 -16.92 18.05 -28.77
CA PHE A 240 -17.48 19.05 -27.85
C PHE A 240 -16.83 19.03 -26.45
N VAL A 241 -16.89 20.18 -25.78
CA VAL A 241 -16.43 20.34 -24.41
C VAL A 241 -17.59 20.20 -23.43
N GLU A 242 -17.34 19.46 -22.34
CA GLU A 242 -18.29 19.32 -21.25
C GLU A 242 -17.71 19.90 -19.99
N ALA A 243 -18.38 20.87 -19.39
CA ALA A 243 -17.90 21.49 -18.16
C ALA A 243 -18.77 21.09 -16.99
N ASN A 244 -18.15 20.46 -15.98
CA ASN A 244 -18.85 20.01 -14.76
C ASN A 244 -18.35 20.69 -13.51
N ILE A 245 -19.27 21.10 -12.65
CA ILE A 245 -18.89 21.50 -11.29
C ILE A 245 -18.94 20.28 -10.38
N GLN A 246 -17.76 19.82 -9.95
CA GLN A 246 -17.65 18.60 -9.13
C GLN A 246 -17.25 18.83 -7.69
N HIS A 247 -17.84 18.04 -6.81
CA HIS A 247 -17.44 17.93 -5.41
C HIS A 247 -17.55 16.46 -5.04
N GLY A 248 -16.40 15.82 -4.84
CA GLY A 248 -16.36 14.44 -4.36
C GLY A 248 -17.08 13.45 -5.25
N GLN A 249 -16.90 13.51 -6.56
CA GLN A 249 -17.45 12.48 -7.45
C GLN A 249 -18.96 12.61 -7.68
N GLN A 250 -19.56 13.60 -7.04
CA GLN A 250 -20.90 14.09 -7.35
C GLN A 250 -20.79 15.27 -8.31
N VAL A 251 -21.51 15.23 -9.43
CA VAL A 251 -21.52 16.43 -10.26
C VAL A 251 -22.60 17.35 -9.72
N LEU A 252 -22.20 18.56 -9.35
CA LEU A 252 -23.16 19.55 -8.88
C LEU A 252 -24.02 20.04 -10.01
N CYS A 253 -23.39 20.36 -11.14
CA CYS A 253 -24.06 20.97 -12.28
C CYS A 253 -23.24 20.72 -13.57
N GLN A 254 -23.91 20.57 -14.71
CA GLN A 254 -23.20 20.25 -15.95
C GLN A 254 -23.73 21.01 -17.18
N ARG A 255 -22.81 21.56 -17.98
CA ARG A 255 -23.12 22.29 -19.24
C ARG A 255 -22.29 21.72 -20.40
N ARG A 256 -22.71 21.98 -21.64
CA ARG A 256 -22.01 21.47 -22.83
C ARG A 256 -21.83 22.53 -23.90
N THR A 257 -20.85 22.34 -24.78
CA THR A 257 -20.70 23.19 -25.97
C THR A 257 -21.38 22.55 -27.17
N SER A 258 -21.56 23.34 -28.23
CA SER A 258 -22.08 22.82 -29.48
C SER A 258 -20.93 22.08 -30.15
N PRO A 259 -21.21 20.92 -30.78
CA PRO A 259 -20.14 20.09 -31.35
C PRO A 259 -19.72 20.50 -32.76
N LYS A 260 -18.40 20.60 -32.95
CA LYS A 260 -17.79 20.96 -34.22
C LYS A 260 -16.87 19.81 -34.73
N PRO A 261 -16.43 19.85 -36.00
CA PRO A 261 -15.62 18.72 -36.46
C PRO A 261 -14.22 18.74 -35.85
N PHE A 262 -13.66 17.57 -35.64
CA PHE A 262 -12.37 17.44 -34.95
C PHE A 262 -11.15 17.74 -35.84
N THR A 263 -10.57 18.92 -35.64
CA THR A 263 -9.34 19.35 -36.30
C THR A 263 -8.51 20.15 -35.29
N GLU A 264 -7.23 20.40 -35.53
CA GLU A 264 -6.32 20.82 -34.46
C GLU A 264 -6.72 22.09 -33.67
N GLU A 265 -7.21 23.16 -34.32
CA GLU A 265 -7.85 24.25 -33.56
C GLU A 265 -9.34 24.22 -33.73
N VAL A 266 -10.05 24.43 -32.62
CA VAL A 266 -11.51 24.51 -32.62
C VAL A 266 -11.95 25.55 -31.59
N LEU A 267 -12.56 26.64 -32.06
CA LEU A 267 -12.98 27.76 -31.21
C LEU A 267 -14.49 27.79 -30.94
N TRP A 268 -14.90 28.59 -29.97
CA TRP A 268 -16.31 28.68 -29.54
C TRP A 268 -16.35 30.20 -29.30
N ASN A 269 -15.72 30.62 -28.21
CA ASN A 269 -15.92 31.80 -27.38
C ASN A 269 -17.23 31.91 -26.59
N VAL A 270 -17.77 30.77 -26.16
CA VAL A 270 -19.09 30.74 -25.49
C VAL A 270 -18.97 30.98 -24.01
N TRP A 271 -19.88 31.79 -23.46
CA TRP A 271 -20.00 31.85 -22.01
C TRP A 271 -20.96 30.76 -21.57
N LEU A 272 -20.44 29.79 -20.82
CA LEU A 272 -21.25 28.71 -20.24
C LEU A 272 -21.82 29.15 -18.90
N GLU A 273 -23.14 29.28 -18.82
CA GLU A 273 -23.76 29.83 -17.63
C GLU A 273 -24.31 28.71 -16.77
N PHE A 274 -23.75 28.55 -15.57
CA PHE A 274 -24.26 27.54 -14.67
C PHE A 274 -25.38 28.09 -13.78
N SER A 275 -26.19 27.21 -13.20
CA SER A 275 -27.28 27.64 -12.34
C SER A 275 -26.84 27.74 -10.88
N ILE A 276 -25.87 26.92 -10.49
CA ILE A 276 -25.25 27.03 -9.17
C ILE A 276 -24.64 28.42 -9.02
N LYS A 277 -24.91 29.10 -7.90
CA LYS A 277 -24.39 30.43 -7.63
C LYS A 277 -22.94 30.41 -7.13
N ILE A 278 -22.32 31.58 -6.98
CA ILE A 278 -20.94 31.68 -6.51
C ILE A 278 -20.83 31.37 -5.02
N LYS A 279 -21.77 31.90 -4.23
CA LYS A 279 -21.74 31.73 -2.79
C LYS A 279 -22.01 30.29 -2.42
N ASP A 280 -22.81 29.61 -3.23
CA ASP A 280 -23.09 28.19 -2.98
C ASP A 280 -21.88 27.26 -3.24
N LEU A 281 -20.90 27.72 -4.01
CA LEU A 281 -19.69 26.93 -4.31
C LEU A 281 -18.90 26.55 -3.03
N PRO A 282 -18.67 25.23 -2.82
CA PRO A 282 -17.96 24.78 -1.62
C PRO A 282 -16.46 24.69 -1.83
N LYS A 283 -15.69 24.83 -0.76
CA LYS A 283 -14.26 24.59 -0.85
C LYS A 283 -14.05 23.16 -1.38
N GLY A 284 -12.99 22.98 -2.17
CA GLY A 284 -12.69 21.71 -2.79
C GLY A 284 -13.39 21.45 -4.11
N ALA A 285 -14.26 22.37 -4.52
CA ALA A 285 -15.02 22.21 -5.76
C ALA A 285 -14.09 22.25 -6.97
N LEU A 286 -14.30 21.34 -7.92
CA LEU A 286 -13.54 21.28 -9.18
C LEU A 286 -14.33 21.77 -10.40
N LEU A 287 -13.61 22.29 -11.38
CA LEU A 287 -14.19 22.50 -12.70
C LEU A 287 -13.56 21.45 -13.62
N ASN A 288 -14.22 20.31 -13.76
CA ASN A 288 -13.81 19.25 -14.67
C ASN A 288 -14.23 19.49 -16.13
N LEU A 289 -13.25 19.66 -17.01
CA LEU A 289 -13.47 19.99 -18.42
C LEU A 289 -13.15 18.75 -19.25
N GLN A 290 -14.06 18.37 -20.13
CA GLN A 290 -13.94 17.09 -20.85
C GLN A 290 -14.25 17.15 -22.35
N ILE A 291 -13.51 16.37 -23.14
CA ILE A 291 -13.68 16.32 -24.59
C ILE A 291 -14.13 14.94 -25.11
N TYR A 292 -15.33 14.92 -25.70
CA TYR A 292 -15.91 13.70 -26.28
C TYR A 292 -15.90 13.81 -27.79
N CYS A 293 -16.08 12.69 -28.47
CA CYS A 293 -16.16 12.71 -29.93
C CYS A 293 -17.31 11.87 -30.49
N LEU A 318 -15.27 9.83 -24.75
CA LEU A 318 -14.36 10.69 -24.00
C LEU A 318 -12.92 10.48 -24.36
N LEU A 319 -12.28 11.54 -24.85
CA LEU A 319 -10.87 11.51 -25.25
C LEU A 319 -9.96 12.17 -24.20
N TYR A 320 -10.17 13.46 -23.95
CA TYR A 320 -9.31 14.20 -23.03
C TYR A 320 -10.01 14.77 -21.79
N TYR A 321 -9.24 14.98 -20.72
CA TYR A 321 -9.74 15.62 -19.50
C TYR A 321 -8.71 16.49 -18.77
N VAL A 322 -9.21 17.54 -18.09
CA VAL A 322 -8.39 18.40 -17.22
C VAL A 322 -9.31 18.99 -16.15
N ASN A 323 -8.74 19.41 -15.01
CA ASN A 323 -9.51 19.90 -13.87
C ASN A 323 -8.90 21.19 -13.36
N LEU A 324 -9.73 22.00 -12.70
CA LEU A 324 -9.32 23.29 -12.15
C LEU A 324 -10.12 23.52 -10.89
N LEU A 325 -9.45 23.65 -9.76
CA LEU A 325 -10.11 24.06 -8.50
C LEU A 325 -10.73 25.45 -8.63
N LEU A 326 -11.94 25.61 -8.07
CA LEU A 326 -12.68 26.85 -8.23
C LEU A 326 -12.50 27.78 -7.02
N ILE A 327 -12.00 27.22 -5.92
CA ILE A 327 -11.59 27.98 -4.73
C ILE A 327 -10.15 27.58 -4.48
N ASP A 328 -9.27 28.57 -4.32
CA ASP A 328 -7.86 28.26 -4.14
C ASP A 328 -7.48 27.98 -2.70
N HIS A 329 -6.20 27.71 -2.47
CA HIS A 329 -5.65 27.40 -1.16
C HIS A 329 -5.73 28.57 -0.17
N ARG A 330 -6.00 29.78 -0.67
CA ARG A 330 -6.20 30.96 0.19
C ARG A 330 -7.68 31.28 0.34
N PHE A 331 -8.53 30.29 0.10
CA PHE A 331 -9.99 30.44 0.17
C PHE A 331 -10.55 31.50 -0.78
N LEU A 332 -9.80 31.80 -1.83
CA LEU A 332 -10.21 32.81 -2.81
C LEU A 332 -10.72 32.17 -4.09
N LEU A 333 -11.87 32.64 -4.58
CA LEU A 333 -12.43 32.17 -5.85
C LEU A 333 -11.42 32.33 -6.97
N ARG A 334 -11.44 31.41 -7.95
CA ARG A 334 -10.50 31.45 -9.05
C ARG A 334 -10.98 32.43 -10.10
N ARG A 335 -10.07 33.27 -10.60
CA ARG A 335 -10.40 34.31 -11.59
C ARG A 335 -9.28 34.39 -12.65
N GLY A 336 -9.58 34.89 -13.84
CA GLY A 336 -8.56 35.12 -14.86
C GLY A 336 -8.55 34.21 -16.06
N GLU A 337 -7.51 34.32 -16.88
CA GLU A 337 -7.29 33.45 -18.05
C GLU A 337 -6.45 32.21 -17.70
N TYR A 338 -6.79 31.08 -18.31
CA TYR A 338 -6.05 29.82 -18.09
C TYR A 338 -5.99 29.01 -19.40
N VAL A 339 -4.80 28.54 -19.74
CA VAL A 339 -4.67 27.59 -20.83
C VAL A 339 -4.17 26.33 -20.20
N LEU A 340 -5.03 25.31 -20.13
CA LEU A 340 -4.81 24.12 -19.36
C LEU A 340 -4.48 22.94 -20.26
N HIS A 341 -3.27 22.38 -20.09
CA HIS A 341 -2.87 21.16 -20.80
C HIS A 341 -3.48 19.87 -20.22
N MET A 342 -4.11 19.11 -21.10
CA MET A 342 -5.06 18.08 -20.71
C MET A 342 -4.50 16.71 -20.90
N TRP A 343 -4.99 15.80 -20.05
CA TRP A 343 -4.59 14.41 -20.01
C TRP A 343 -5.46 13.61 -20.96
N GLN A 344 -4.87 12.61 -21.60
CA GLN A 344 -5.62 11.77 -22.53
C GLN A 344 -6.04 10.42 -21.92
N ILE A 345 -7.03 9.80 -22.54
CA ILE A 345 -7.57 8.52 -22.09
C ILE A 345 -6.91 7.33 -22.80
N SER A 346 -6.70 6.24 -22.05
CA SER A 346 -6.11 5.02 -22.59
C SER A 346 -7.12 4.19 -23.36
N GLY A 347 -6.72 3.73 -24.54
CA GLY A 347 -7.58 2.92 -25.39
C GLY A 347 -7.44 1.44 -25.08
N PHE A 355 -14.63 6.46 -11.14
CA PHE A 355 -13.84 5.77 -12.15
C PHE A 355 -12.42 5.43 -11.66
N ASN A 356 -11.48 6.35 -11.81
CA ASN A 356 -10.14 6.13 -11.27
C ASN A 356 -9.53 7.42 -10.71
N ALA A 357 -8.61 7.28 -9.76
CA ALA A 357 -8.10 8.42 -8.97
C ALA A 357 -7.44 9.54 -9.75
N ASP A 358 -6.76 9.18 -10.84
CA ASP A 358 -6.13 10.12 -11.76
C ASP A 358 -7.11 11.16 -12.29
N LYS A 359 -8.37 10.75 -12.44
CA LYS A 359 -9.36 11.64 -13.04
C LYS A 359 -9.69 12.84 -12.15
N LEU A 360 -9.19 12.87 -10.92
CA LEU A 360 -9.52 13.96 -9.97
C LEU A 360 -8.46 15.04 -9.84
N THR A 361 -7.32 14.86 -10.50
CA THR A 361 -6.12 15.67 -10.22
C THR A 361 -6.15 17.11 -10.68
N SER A 362 -5.65 17.99 -9.81
CA SER A 362 -5.59 19.40 -10.14
C SER A 362 -4.37 19.64 -11.04
N ALA A 363 -3.60 18.58 -11.28
CA ALA A 363 -2.41 18.73 -12.08
C ALA A 363 -2.79 18.85 -13.53
N THR A 364 -1.93 19.56 -14.26
CA THR A 364 -2.02 19.70 -15.70
C THR A 364 -0.90 18.92 -16.31
N ASN A 365 -1.12 18.43 -17.52
CA ASN A 365 -0.18 17.56 -18.23
C ASN A 365 1.14 18.30 -18.49
N PRO A 366 2.27 17.72 -18.07
CA PRO A 366 3.53 18.45 -18.24
C PRO A 366 4.02 18.46 -19.69
N ASP A 367 3.42 17.62 -20.52
CA ASP A 367 3.78 17.52 -21.94
C ASP A 367 3.14 18.67 -22.71
N LYS A 368 3.75 19.84 -22.68
CA LYS A 368 3.20 21.00 -23.37
C LYS A 368 3.35 20.94 -24.90
N GLU A 369 4.21 20.06 -25.38
CA GLU A 369 4.44 19.96 -26.82
C GLU A 369 3.40 19.13 -27.57
N ASN A 370 3.01 17.98 -27.00
CA ASN A 370 2.12 17.07 -27.73
C ASN A 370 0.70 16.97 -27.17
N SER A 371 0.44 17.64 -26.05
CA SER A 371 -0.89 17.51 -25.44
C SER A 371 -1.90 18.51 -25.97
N MET A 372 -3.18 18.13 -25.88
CA MET A 372 -4.33 18.97 -26.12
C MET A 372 -4.49 20.01 -25.01
N SER A 373 -4.86 21.25 -25.32
CA SER A 373 -5.01 22.24 -24.25
C SER A 373 -6.39 22.86 -24.34
N ILE A 374 -6.82 23.53 -23.29
CA ILE A 374 -8.11 24.23 -23.31
C ILE A 374 -7.94 25.65 -22.80
N SER A 375 -8.57 26.60 -23.50
CA SER A 375 -8.48 28.01 -23.15
C SER A 375 -9.80 28.50 -22.60
N ILE A 376 -9.75 29.11 -21.43
CA ILE A 376 -10.95 29.41 -20.66
C ILE A 376 -10.78 30.74 -19.95
N LEU A 377 -11.88 31.28 -19.44
CA LEU A 377 -11.83 32.55 -18.74
C LEU A 377 -12.80 32.66 -17.60
N LEU A 378 -12.25 32.97 -16.43
CA LEU A 378 -13.03 33.25 -15.23
C LEU A 378 -13.02 34.74 -14.92
N ASP A 379 -14.15 35.25 -14.43
CA ASP A 379 -14.22 36.64 -13.95
C ASP A 379 -15.43 36.86 -13.06
N ASN A 380 -15.39 36.27 -11.88
CA ASN A 380 -16.51 36.39 -10.95
C ASN A 380 -16.04 36.94 -9.60
N HIS A 383 -12.57 34.87 -0.85
CA HIS A 383 -13.68 35.75 -1.18
C HIS A 383 -14.98 35.35 -0.48
N PRO A 384 -15.35 34.09 -0.65
CA PRO A 384 -16.50 33.41 -0.03
C PRO A 384 -16.26 32.85 1.39
N ILE A 385 -17.31 32.28 1.98
CA ILE A 385 -17.36 31.90 3.41
C ILE A 385 -17.37 33.01 4.48
N ALA A 386 -17.98 34.14 4.14
CA ALA A 386 -18.00 35.34 4.95
C ALA A 386 -19.39 35.98 4.90
N ARG A 402 -34.66 18.86 20.79
CA ARG A 402 -35.92 18.22 21.11
C ARG A 402 -36.47 17.47 19.90
N ALA A 403 -37.64 16.83 20.06
CA ALA A 403 -38.29 16.15 18.94
C ALA A 403 -38.51 14.68 18.55
N GLU A 404 -38.27 13.76 19.47
CA GLU A 404 -37.67 12.44 19.32
C GLU A 404 -38.24 11.54 18.22
N MET A 405 -37.33 10.84 17.55
CA MET A 405 -37.61 10.03 16.37
C MET A 405 -38.65 8.96 16.69
N PRO A 406 -39.60 8.69 15.77
CA PRO A 406 -40.56 7.60 16.02
C PRO A 406 -39.97 6.23 15.67
N ASN A 407 -40.70 5.19 16.05
CA ASN A 407 -40.22 3.81 16.07
C ASN A 407 -39.90 3.19 14.71
N GLN A 408 -40.84 3.26 13.76
CA GLN A 408 -40.62 2.66 12.45
C GLN A 408 -39.53 3.40 11.66
N LEU A 409 -39.58 4.72 11.68
CA LEU A 409 -38.59 5.53 10.97
C LEU A 409 -37.19 5.29 11.52
N ARG A 410 -37.10 5.00 12.81
CA ARG A 410 -35.84 4.67 13.46
C ARG A 410 -35.38 3.34 12.88
N LYS A 411 -36.32 2.41 12.71
CA LYS A 411 -35.98 1.10 12.15
C LYS A 411 -35.44 1.26 10.74
N GLN A 412 -36.12 2.09 9.94
CA GLN A 412 -35.68 2.38 8.58
C GLN A 412 -34.27 2.97 8.56
N LEU A 413 -34.04 3.98 9.38
CA LEU A 413 -32.73 4.60 9.49
C LEU A 413 -31.64 3.61 9.85
N GLU A 414 -31.83 2.95 10.98
CA GLU A 414 -30.90 1.94 11.47
C GLU A 414 -30.59 0.86 10.44
N ALA A 415 -31.58 0.51 9.63
CA ALA A 415 -31.37 -0.45 8.54
C ALA A 415 -30.38 0.10 7.50
N ILE A 416 -30.62 1.33 7.03
CA ILE A 416 -29.69 2.05 6.15
C ILE A 416 -28.26 2.08 6.69
N ILE A 417 -28.10 2.44 7.95
CA ILE A 417 -26.80 2.46 8.59
C ILE A 417 -26.13 1.08 8.60
N ALA A 418 -26.92 0.02 8.57
CA ALA A 418 -26.35 -1.32 8.67
C ALA A 418 -25.80 -1.84 7.34
N THR A 419 -26.26 -1.28 6.22
CA THR A 419 -25.82 -1.72 4.90
C THR A 419 -24.31 -1.48 4.69
N ASP A 420 -23.71 -2.23 3.77
CA ASP A 420 -22.26 -2.20 3.54
C ASP A 420 -21.91 -0.90 2.81
N PRO A 421 -20.61 -0.54 2.74
CA PRO A 421 -20.25 0.72 2.09
C PRO A 421 -20.66 0.82 0.61
N LEU A 422 -20.67 -0.28 -0.13
CA LEU A 422 -20.99 -0.22 -1.57
C LEU A 422 -22.47 -0.13 -1.93
N ASN A 423 -23.33 -0.02 -0.91
CA ASN A 423 -24.76 0.03 -1.18
C ASN A 423 -25.26 1.43 -1.48
N PRO A 424 -25.89 1.61 -2.65
CA PRO A 424 -26.25 2.98 -3.02
C PRO A 424 -27.34 3.57 -2.13
N LEU A 425 -27.35 4.89 -2.01
CA LEU A 425 -28.35 5.59 -1.21
C LEU A 425 -29.39 6.21 -2.12
N THR A 426 -30.63 5.86 -1.82
CA THR A 426 -31.82 6.43 -2.47
C THR A 426 -32.03 7.92 -2.07
N ALA A 427 -32.73 8.70 -2.89
CA ALA A 427 -33.09 10.06 -2.47
C ALA A 427 -33.90 10.01 -1.17
N GLU A 428 -34.83 9.06 -1.08
CA GLU A 428 -35.56 8.82 0.15
C GLU A 428 -34.59 8.50 1.30
N ASP A 429 -33.60 7.63 1.05
CA ASP A 429 -32.57 7.27 2.05
C ASP A 429 -31.79 8.48 2.59
N LYS A 430 -31.21 9.26 1.67
CA LYS A 430 -30.52 10.50 1.99
C LYS A 430 -31.38 11.52 2.76
N GLU A 431 -32.65 11.64 2.39
CA GLU A 431 -33.54 12.58 3.05
C GLU A 431 -33.82 12.21 4.51
N LEU A 432 -33.94 10.92 4.79
CA LEU A 432 -34.07 10.44 6.15
C LEU A 432 -32.84 10.83 6.95
N LEU A 433 -31.69 10.35 6.50
CA LEU A 433 -30.36 10.61 7.08
C LEU A 433 -30.12 12.10 7.42
N TRP A 434 -30.49 13.00 6.50
CA TRP A 434 -30.35 14.45 6.73
C TRP A 434 -31.38 15.00 7.73
N HIS A 435 -32.64 14.66 7.53
CA HIS A 435 -33.68 15.11 8.43
C HIS A 435 -33.45 14.67 9.88
N PHE A 436 -32.94 13.48 10.06
CA PHE A 436 -32.69 12.95 11.39
C PHE A 436 -31.21 13.06 11.78
N ARG A 437 -30.54 14.08 11.29
CA ARG A 437 -29.09 14.14 11.38
C ARG A 437 -28.55 14.05 12.78
N TYR A 438 -29.30 14.52 13.76
CA TYR A 438 -28.92 14.36 15.16
C TYR A 438 -28.96 12.94 15.72
N GLU A 439 -29.83 12.11 15.19
CA GLU A 439 -29.91 10.71 15.57
C GLU A 439 -28.80 9.93 14.87
N SER A 440 -28.60 10.25 13.59
CA SER A 440 -27.53 9.69 12.79
C SER A 440 -26.18 9.99 13.43
N LEU A 441 -26.05 11.18 14.00
CA LEU A 441 -24.78 11.59 14.56
C LEU A 441 -24.35 10.64 15.68
N LYS A 442 -25.34 10.12 16.41
CA LYS A 442 -25.15 9.16 17.52
C LYS A 442 -24.63 7.77 17.08
N HIS A 443 -24.47 7.56 15.77
CA HIS A 443 -23.99 6.29 15.23
C HIS A 443 -22.77 6.50 14.33
N PRO A 444 -21.56 6.27 14.87
CA PRO A 444 -20.34 6.51 14.08
C PRO A 444 -20.30 5.80 12.75
N LYS A 445 -20.92 4.63 12.65
CA LYS A 445 -20.97 3.91 11.38
C LYS A 445 -21.91 4.55 10.33
N ALA A 446 -22.72 5.52 10.75
CA ALA A 446 -23.62 6.22 9.82
C ALA A 446 -22.92 7.35 9.09
N TYR A 447 -21.80 7.81 9.63
CA TYR A 447 -21.11 8.98 9.11
C TYR A 447 -20.88 9.06 7.59
N PRO A 448 -20.28 8.04 6.97
CA PRO A 448 -20.15 8.17 5.51
C PRO A 448 -21.49 8.23 4.73
N LYS A 449 -22.50 7.49 5.18
CA LYS A 449 -23.82 7.58 4.57
C LYS A 449 -24.42 8.96 4.81
N LEU A 450 -24.41 9.37 6.09
CA LEU A 450 -24.83 10.72 6.49
C LEU A 450 -24.19 11.80 5.64
N PHE A 451 -22.86 11.74 5.49
CA PHE A 451 -22.13 12.77 4.73
C PHE A 451 -22.29 12.66 3.22
N SER A 452 -22.91 11.57 2.79
CA SER A 452 -23.29 11.35 1.41
C SER A 452 -24.70 11.83 1.15
N SER A 453 -25.40 12.26 2.19
CA SER A 453 -26.74 12.85 2.05
C SER A 453 -26.70 14.38 2.16
N VAL A 454 -25.52 14.97 2.01
CA VAL A 454 -25.37 16.40 2.16
C VAL A 454 -25.39 17.13 0.84
N LYS A 455 -26.25 18.14 0.75
CA LYS A 455 -26.31 18.94 -0.44
C LYS A 455 -25.12 19.93 -0.47
N TRP A 456 -23.94 19.38 -0.81
CA TRP A 456 -22.68 20.15 -0.84
C TRP A 456 -22.75 21.41 -1.70
N GLY A 457 -23.76 21.49 -2.56
CA GLY A 457 -23.93 22.63 -3.44
C GLY A 457 -24.87 23.71 -2.91
N GLN A 458 -25.22 23.63 -1.62
CA GLN A 458 -26.01 24.66 -0.93
C GLN A 458 -25.30 25.18 0.33
N GLN A 459 -24.79 26.42 0.28
CA GLN A 459 -24.05 27.04 1.40
C GLN A 459 -24.77 26.85 2.74
N GLU A 460 -26.08 27.12 2.73
CA GLU A 460 -26.96 26.92 3.88
C GLU A 460 -26.90 25.49 4.44
N ILE A 461 -26.83 24.51 3.55
CA ILE A 461 -26.78 23.14 4.04
C ILE A 461 -25.40 22.76 4.57
N VAL A 462 -24.32 23.25 3.93
CA VAL A 462 -22.97 22.96 4.40
C VAL A 462 -22.72 23.62 5.75
N ALA A 463 -23.32 24.78 5.96
CA ALA A 463 -23.19 25.47 7.24
C ALA A 463 -23.86 24.64 8.32
N LYS A 464 -25.09 24.21 8.06
CA LYS A 464 -25.79 23.31 8.97
C LYS A 464 -24.93 22.09 9.30
N THR A 465 -24.19 21.61 8.31
CA THR A 465 -23.31 20.43 8.41
C THR A 465 -22.12 20.71 9.30
N TYR A 466 -21.54 21.91 9.13
CA TYR A 466 -20.47 22.33 10.01
C TYR A 466 -20.95 22.49 11.45
N GLN A 467 -22.16 23.04 11.62
CA GLN A 467 -22.76 23.19 12.94
C GLN A 467 -22.93 21.81 13.58
N LEU A 468 -23.36 20.87 12.77
CA LEU A 468 -23.62 19.50 13.19
C LEU A 468 -22.30 18.85 13.62
N LEU A 469 -21.24 19.18 12.90
CA LEU A 469 -19.91 18.62 13.15
C LEU A 469 -19.24 19.19 14.40
N ALA A 470 -19.74 20.30 14.90
CA ALA A 470 -19.14 20.91 16.08
C ALA A 470 -19.48 20.15 17.36
N ARG A 471 -20.58 19.39 17.34
CA ARG A 471 -20.96 18.56 18.49
C ARG A 471 -20.51 17.13 18.30
N ARG A 472 -19.19 16.96 18.17
CA ARG A 472 -18.57 15.69 17.83
C ARG A 472 -18.40 14.72 19.01
N GLU A 473 -19.06 14.99 20.13
CA GLU A 473 -18.86 14.19 21.35
C GLU A 473 -18.90 12.68 21.13
N VAL A 474 -19.93 12.20 20.43
CA VAL A 474 -20.09 10.79 20.08
C VAL A 474 -18.93 10.23 19.23
N TRP A 475 -18.52 10.98 18.20
CA TRP A 475 -17.45 10.59 17.29
C TRP A 475 -16.09 10.47 18.01
N ASP A 476 -15.71 11.51 18.74
CA ASP A 476 -14.46 11.52 19.50
C ASP A 476 -14.35 10.33 20.43
N GLN A 477 -15.41 10.09 21.19
CA GLN A 477 -15.40 9.03 22.20
C GLN A 477 -15.43 7.62 21.62
N SER A 478 -15.64 7.51 20.30
CA SER A 478 -15.85 6.20 19.70
C SER A 478 -14.52 5.46 19.59
N ALA A 479 -14.55 4.14 19.60
CA ALA A 479 -13.32 3.39 19.43
C ALA A 479 -12.97 3.43 17.96
N LEU A 480 -11.73 3.80 17.67
CA LEU A 480 -11.21 3.92 16.31
C LEU A 480 -11.48 2.67 15.43
N ASP A 481 -12.18 2.91 14.33
CA ASP A 481 -12.51 1.90 13.34
C ASP A 481 -11.77 2.28 12.05
N VAL A 482 -10.69 1.57 11.74
CA VAL A 482 -9.89 1.95 10.58
C VAL A 482 -10.69 1.92 9.28
N GLY A 483 -11.50 0.87 9.11
CA GLY A 483 -12.46 0.79 8.03
C GLY A 483 -13.32 2.04 7.88
N LEU A 484 -14.01 2.44 8.95
CA LEU A 484 -14.85 3.64 8.95
C LEU A 484 -14.02 4.84 8.52
N THR A 485 -12.94 5.07 9.24
CA THR A 485 -12.06 6.18 8.98
C THR A 485 -11.62 6.27 7.51
N MET A 486 -11.16 5.16 6.95
CA MET A 486 -10.83 5.04 5.51
C MET A 486 -11.94 5.49 4.55
N GLN A 487 -13.19 5.04 4.76
CA GLN A 487 -14.32 5.45 3.91
C GLN A 487 -14.41 6.96 3.76
N LEU A 488 -14.14 7.67 4.87
CA LEU A 488 -14.24 9.11 4.90
C LEU A 488 -13.05 9.79 4.24
N LEU A 489 -12.05 9.00 3.88
CA LEU A 489 -10.90 9.54 3.14
C LEU A 489 -10.95 9.27 1.61
N ASP A 490 -11.94 8.53 1.11
CA ASP A 490 -11.96 8.21 -0.31
C ASP A 490 -12.45 9.36 -1.20
N CYS A 491 -12.65 9.05 -2.46
CA CYS A 491 -13.08 10.00 -3.48
C CYS A 491 -14.48 10.55 -3.28
N ASN A 492 -15.20 10.07 -2.29
CA ASN A 492 -16.59 10.52 -2.12
C ASN A 492 -16.75 11.66 -1.12
N PHE A 493 -15.62 12.19 -0.65
CA PHE A 493 -15.62 13.26 0.33
C PHE A 493 -14.52 14.25 -0.03
N SER A 494 -14.94 15.43 -0.51
CA SER A 494 -14.04 16.55 -0.81
C SER A 494 -14.01 17.56 0.32
N ASP A 495 -14.93 17.42 1.26
CA ASP A 495 -14.99 18.41 2.32
C ASP A 495 -13.81 18.28 3.28
N GLU A 496 -13.11 19.40 3.51
CA GLU A 496 -11.89 19.44 4.33
C GLU A 496 -12.14 19.12 5.81
N ASN A 497 -13.28 19.57 6.33
CA ASN A 497 -13.65 19.28 7.71
C ASN A 497 -14.17 17.87 7.95
N VAL A 498 -14.86 17.29 6.98
CA VAL A 498 -15.31 15.91 7.08
C VAL A 498 -14.07 15.01 7.07
N ARG A 499 -13.11 15.30 6.20
CA ARG A 499 -11.90 14.50 6.12
C ARG A 499 -11.05 14.66 7.38
N ALA A 500 -10.93 15.89 7.91
CA ALA A 500 -10.18 16.13 9.15
C ALA A 500 -10.63 15.31 10.38
N ILE A 501 -11.93 15.01 10.49
CA ILE A 501 -12.38 14.13 11.58
C ILE A 501 -11.87 12.72 11.35
N ALA A 502 -11.64 12.36 10.08
CA ALA A 502 -11.13 11.05 9.78
C ALA A 502 -9.70 10.98 10.29
N VAL A 503 -8.86 11.89 9.81
CA VAL A 503 -7.49 12.03 10.27
C VAL A 503 -7.37 12.17 11.80
N GLN A 504 -8.33 12.84 12.40
CA GLN A 504 -8.40 12.94 13.85
C GLN A 504 -8.35 11.54 14.45
N LYS A 505 -9.21 10.66 13.99
CA LYS A 505 -9.28 9.30 14.53
C LYS A 505 -7.96 8.54 14.32
N LEU A 506 -7.35 8.72 13.16
CA LEU A 506 -6.04 8.12 12.88
C LEU A 506 -4.96 8.49 13.89
N GLU A 507 -5.03 9.68 14.48
CA GLU A 507 -3.98 10.13 15.38
C GLU A 507 -3.74 9.14 16.49
N SER A 508 -4.75 8.32 16.79
CA SER A 508 -4.64 7.36 17.88
C SER A 508 -4.00 6.03 17.46
N LEU A 509 -3.78 5.83 16.16
CA LEU A 509 -3.07 4.63 15.68
C LEU A 509 -1.64 4.58 16.24
N GLU A 510 -1.20 3.43 16.72
CA GLU A 510 0.21 3.32 17.05
C GLU A 510 1.05 2.93 15.83
N ASP A 511 2.38 3.09 15.91
CA ASP A 511 3.29 2.90 14.80
C ASP A 511 3.13 1.55 14.12
N ASP A 512 3.07 0.54 14.97
CA ASP A 512 2.67 -0.80 14.62
C ASP A 512 1.51 -0.81 13.59
N ASP A 513 0.43 -0.07 13.87
CA ASP A 513 -0.76 0.00 13.00
C ASP A 513 -0.60 0.92 11.79
N VAL A 514 0.12 2.03 11.94
CA VAL A 514 0.29 2.97 10.86
C VAL A 514 1.04 2.26 9.76
N LEU A 515 2.03 1.46 10.16
CA LEU A 515 2.79 0.65 9.20
C LEU A 515 1.90 -0.31 8.41
N HIS A 516 0.89 -0.87 9.06
CA HIS A 516 -0.12 -1.65 8.36
C HIS A 516 -0.88 -0.91 7.24
N TYR A 517 -1.25 0.34 7.47
CA TYR A 517 -2.12 1.07 6.53
C TYR A 517 -1.37 2.20 5.81
N LEU A 518 -0.05 2.25 5.96
CA LEU A 518 0.74 3.34 5.40
C LEU A 518 0.52 3.57 3.90
N LEU A 519 0.65 2.50 3.11
CA LEU A 519 0.49 2.51 1.66
C LEU A 519 -0.90 3.00 1.23
N GLN A 520 -1.93 2.35 1.78
CA GLN A 520 -3.31 2.75 1.56
C GLN A 520 -3.52 4.23 1.92
N LEU A 521 -3.01 4.66 3.07
CA LEU A 521 -3.04 6.07 3.47
C LEU A 521 -2.33 7.02 2.48
N VAL A 522 -1.11 6.67 2.11
CA VAL A 522 -0.42 7.36 1.01
C VAL A 522 -1.23 7.44 -0.31
N GLN A 523 -1.90 6.36 -0.71
CA GLN A 523 -2.75 6.37 -1.91
C GLN A 523 -3.94 7.34 -1.75
N ALA A 524 -4.52 7.44 -0.56
CA ALA A 524 -5.63 8.41 -0.33
C ALA A 524 -5.29 9.89 -0.46
N VAL A 525 -4.01 10.25 -0.50
CA VAL A 525 -3.63 11.65 -0.62
C VAL A 525 -4.17 12.10 -1.98
N LYS A 526 -4.16 11.19 -2.93
CA LYS A 526 -4.75 11.41 -4.22
C LYS A 526 -6.23 11.87 -4.23
N PHE A 527 -6.94 11.72 -3.13
CA PHE A 527 -8.36 12.12 -3.14
C PHE A 527 -8.55 13.47 -2.45
N GLU A 528 -7.43 14.10 -2.14
CA GLU A 528 -7.46 15.33 -1.40
C GLU A 528 -7.57 16.43 -2.42
N PRO A 529 -8.49 17.37 -2.20
CA PRO A 529 -8.62 18.46 -3.17
C PRO A 529 -7.36 19.31 -3.25
N TYR A 530 -6.72 19.60 -2.12
CA TYR A 530 -5.57 20.51 -2.11
C TYR A 530 -4.28 19.83 -1.69
N HIS A 531 -3.14 20.43 -2.03
CA HIS A 531 -1.84 19.80 -1.74
C HIS A 531 -1.52 19.74 -0.24
N ASP A 532 -1.69 20.85 0.44
CA ASP A 532 -1.60 20.82 1.88
C ASP A 532 -2.92 20.25 2.34
N SER A 533 -2.86 19.20 3.14
CA SER A 533 -4.05 18.59 3.67
C SER A 533 -3.76 18.02 5.05
N ALA A 534 -4.79 17.91 5.88
CA ALA A 534 -4.62 17.28 7.20
C ALA A 534 -3.90 15.94 7.08
N LEU A 535 -4.36 15.12 6.15
CA LEU A 535 -3.82 13.78 5.99
C LEU A 535 -2.38 13.77 5.52
N ALA A 536 -2.01 14.68 4.63
CA ALA A 536 -0.61 14.77 4.19
C ALA A 536 0.31 15.19 5.33
N ARG A 537 -0.20 16.05 6.20
CA ARG A 537 0.55 16.43 7.40
C ARG A 537 0.70 15.27 8.36
N PHE A 538 -0.29 14.39 8.38
CA PHE A 538 -0.25 13.26 9.29
C PHE A 538 0.85 12.28 8.88
N LEU A 539 0.91 11.91 7.61
CA LEU A 539 1.95 11.04 7.10
C LEU A 539 3.30 11.74 7.26
N LEU A 540 3.30 13.04 7.04
CA LEU A 540 4.52 13.82 7.18
C LEU A 540 5.06 13.76 8.59
N LYS A 541 4.19 13.85 9.60
CA LYS A 541 4.67 13.88 10.98
C LYS A 541 4.89 12.48 11.59
N ARG A 542 4.09 11.50 11.19
CA ARG A 542 4.25 10.14 11.71
C ARG A 542 5.56 9.48 11.25
N GLY A 543 6.02 9.87 10.06
CA GLY A 543 7.26 9.38 9.49
C GLY A 543 8.47 10.08 10.08
N LEU A 544 8.32 11.38 10.34
CA LEU A 544 9.36 12.13 11.03
C LEU A 544 9.56 11.55 12.44
N ARG A 545 8.50 10.97 13.00
CA ARG A 545 8.53 10.50 14.39
C ARG A 545 9.24 9.14 14.56
N ASN A 546 9.18 8.31 13.52
CA ASN A 546 9.66 6.94 13.59
C ASN A 546 10.31 6.58 12.25
N LYS A 547 11.53 6.05 12.32
CA LYS A 547 12.37 5.80 11.15
C LYS A 547 11.84 4.70 10.27
N ARG A 548 11.14 3.73 10.85
CA ARG A 548 10.59 2.66 10.01
C ARG A 548 9.43 3.19 9.17
N ILE A 549 8.52 3.94 9.78
CA ILE A 549 7.48 4.60 8.99
C ILE A 549 8.14 5.54 8.00
N GLY A 550 9.16 6.26 8.43
CA GLY A 550 9.86 7.16 7.53
C GLY A 550 10.49 6.51 6.32
N HIS A 551 10.97 5.29 6.50
CA HIS A 551 11.67 4.55 5.47
C HIS A 551 10.70 4.11 4.43
N PHE A 552 9.65 3.44 4.87
CA PHE A 552 8.57 3.08 3.96
C PHE A 552 7.82 4.27 3.34
N LEU A 553 7.62 5.34 4.12
CA LEU A 553 7.03 6.56 3.58
C LEU A 553 7.86 7.04 2.42
N PHE A 554 9.18 7.06 2.61
CA PHE A 554 10.08 7.43 1.53
C PHE A 554 9.80 6.63 0.25
N TRP A 555 9.96 5.30 0.30
CA TRP A 555 9.73 4.44 -0.88
C TRP A 555 8.34 4.50 -1.51
N PHE A 556 7.33 4.56 -0.66
CA PHE A 556 5.96 4.70 -1.14
C PHE A 556 5.74 5.97 -1.96
N LEU A 557 6.10 7.11 -1.38
CA LEU A 557 6.02 8.38 -2.09
C LEU A 557 6.93 8.38 -3.30
N ARG A 558 8.06 7.71 -3.19
CA ARG A 558 8.97 7.66 -4.31
C ARG A 558 8.53 6.73 -5.43
N SER A 559 7.74 5.68 -5.15
CA SER A 559 7.16 4.90 -6.24
C SER A 559 6.18 5.73 -7.06
N GLU A 560 5.33 6.51 -6.39
CA GLU A 560 4.34 7.38 -7.06
C GLU A 560 4.93 8.51 -7.90
N ILE A 561 5.81 9.30 -7.30
CA ILE A 561 6.54 10.34 -8.02
C ILE A 561 7.13 9.79 -9.32
N ALA A 562 7.67 8.58 -9.28
CA ALA A 562 8.35 8.04 -10.45
C ALA A 562 7.38 7.64 -11.56
N GLN A 563 6.20 7.13 -11.20
CA GLN A 563 5.29 6.66 -12.27
C GLN A 563 3.89 7.28 -12.24
N SER A 564 3.79 8.53 -11.81
CA SER A 564 2.50 9.19 -11.78
C SER A 564 2.64 10.65 -12.12
N ARG A 565 2.49 11.05 -13.39
CA ARG A 565 2.58 12.46 -13.69
C ARG A 565 1.38 13.19 -13.08
N HIS A 566 0.28 12.44 -12.90
CA HIS A 566 -0.95 12.96 -12.30
C HIS A 566 -0.75 13.47 -10.87
N TYR A 567 0.09 12.79 -10.09
CA TYR A 567 0.29 13.19 -8.70
C TYR A 567 1.74 13.37 -8.24
N GLN A 568 2.69 13.23 -9.14
CA GLN A 568 4.10 13.41 -8.78
C GLN A 568 4.41 14.77 -8.14
N GLN A 569 3.86 15.87 -8.65
CA GLN A 569 4.16 17.15 -8.04
C GLN A 569 3.68 17.28 -6.58
N ARG A 570 2.45 16.83 -6.29
CA ARG A 570 1.92 16.82 -4.93
C ARG A 570 2.78 15.99 -4.00
N PHE A 571 3.02 14.77 -4.43
CA PHE A 571 3.79 13.80 -3.69
C PHE A 571 5.27 14.18 -3.49
N ALA A 572 5.87 14.87 -4.45
CA ALA A 572 7.25 15.33 -4.31
C ALA A 572 7.37 16.45 -3.27
N VAL A 573 6.38 17.33 -3.21
CA VAL A 573 6.41 18.41 -2.23
C VAL A 573 6.42 17.80 -0.84
N ILE A 574 5.70 16.69 -0.68
CA ILE A 574 5.57 16.00 0.59
C ILE A 574 6.85 15.23 0.94
N LEU A 575 7.38 14.49 -0.02
CA LEU A 575 8.67 13.82 0.18
C LEU A 575 9.77 14.79 0.60
N GLU A 576 9.87 15.93 -0.09
CA GLU A 576 10.84 16.97 0.26
C GLU A 576 10.67 17.47 1.69
N ALA A 577 9.42 17.53 2.13
CA ALA A 577 9.12 17.99 3.48
C ALA A 577 9.65 16.96 4.45
N TYR A 578 9.47 15.68 4.13
CA TYR A 578 9.93 14.59 4.99
C TYR A 578 11.45 14.52 5.04
N LEU A 579 12.09 14.73 3.90
CA LEU A 579 13.52 14.53 3.79
C LEU A 579 14.26 15.63 4.51
N ARG A 580 13.62 16.79 4.63
CA ARG A 580 14.22 17.92 5.33
C ARG A 580 14.11 17.78 6.86
N GLY A 581 13.57 16.66 7.33
CA GLY A 581 13.38 16.45 8.75
C GLY A 581 13.94 15.13 9.27
N CYS A 582 14.10 14.17 8.36
CA CYS A 582 14.53 12.83 8.74
C CYS A 582 15.95 12.72 9.36
N GLY A 583 16.76 13.76 9.22
CA GLY A 583 18.12 13.72 9.76
C GLY A 583 19.16 13.20 8.78
N THR A 584 20.43 13.55 8.99
CA THR A 584 21.48 13.28 8.00
C THR A 584 21.87 11.81 7.81
N ALA A 585 21.67 10.98 8.84
CA ALA A 585 21.97 9.55 8.74
C ALA A 585 21.09 8.92 7.68
N MET A 586 19.81 9.29 7.72
CA MET A 586 18.80 8.70 6.88
C MET A 586 18.98 9.16 5.45
N LEU A 587 19.27 10.45 5.28
CA LEU A 587 19.59 11.01 3.98
C LEU A 587 20.75 10.25 3.36
N HIS A 588 21.76 9.99 4.18
CA HIS A 588 22.90 9.22 3.75
C HIS A 588 22.43 7.79 3.41
N ASP A 589 21.52 7.30 4.24
CA ASP A 589 21.09 5.92 4.10
C ASP A 589 20.30 5.77 2.83
N PHE A 590 19.40 6.73 2.54
CA PHE A 590 18.58 6.76 1.32
C PHE A 590 19.44 6.94 0.07
N THR A 591 20.49 7.76 0.18
CA THR A 591 21.43 7.95 -0.92
C THR A 591 22.12 6.63 -1.33
N GLN A 592 22.67 5.92 -0.34
CA GLN A 592 23.24 4.62 -0.55
C GLN A 592 22.29 3.66 -1.26
N GLN A 593 21.00 3.81 -0.96
CA GLN A 593 19.93 2.96 -1.49
C GLN A 593 19.59 3.35 -2.91
N VAL A 594 19.38 4.64 -3.12
CA VAL A 594 19.10 5.19 -4.46
C VAL A 594 20.24 4.95 -5.46
N GLN A 595 21.47 5.21 -5.04
CA GLN A 595 22.65 4.88 -5.84
C GLN A 595 22.67 3.41 -6.26
N VAL A 596 22.41 2.49 -5.33
CA VAL A 596 22.38 1.08 -5.68
C VAL A 596 21.29 0.73 -6.71
N ILE A 597 20.08 1.28 -6.54
CA ILE A 597 19.01 0.91 -7.48
C ILE A 597 19.22 1.58 -8.85
N GLU A 598 19.71 2.81 -8.86
CA GLU A 598 20.08 3.45 -10.13
C GLU A 598 21.16 2.66 -10.87
N MET A 599 22.21 2.27 -10.16
CA MET A 599 23.27 1.47 -10.77
C MET A 599 22.73 0.14 -11.29
N LEU A 600 21.86 -0.52 -10.54
CA LEU A 600 21.31 -1.80 -10.97
C LEU A 600 20.31 -1.59 -12.09
N GLN A 601 19.50 -0.54 -11.99
CA GLN A 601 18.54 -0.20 -13.05
C GLN A 601 19.17 -0.28 -14.42
N LYS A 602 20.39 0.24 -14.61
CA LYS A 602 21.07 0.21 -15.92
C LYS A 602 21.52 -1.16 -16.51
N VAL A 603 22.17 -1.99 -15.70
CA VAL A 603 22.36 -3.41 -15.92
C VAL A 603 21.07 -4.14 -16.28
N THR A 604 20.02 -3.95 -15.47
CA THR A 604 18.75 -4.64 -15.62
C THR A 604 18.08 -4.38 -16.95
N LEU A 605 18.23 -3.17 -17.46
CA LEU A 605 17.58 -2.75 -18.70
C LEU A 605 18.33 -3.22 -19.95
N ASP A 606 19.66 -3.24 -19.88
CA ASP A 606 20.48 -3.62 -21.02
C ASP A 606 20.41 -5.13 -21.24
N ILE A 607 20.33 -5.87 -20.14
CA ILE A 607 20.17 -7.33 -20.21
C ILE A 607 18.79 -7.69 -20.78
N LYS A 608 17.74 -6.97 -20.39
CA LYS A 608 16.39 -7.24 -20.87
C LYS A 608 16.28 -6.98 -22.37
N SER A 609 17.08 -6.04 -22.86
CA SER A 609 17.06 -5.63 -24.26
C SER A 609 17.98 -6.49 -25.11
N LEU A 610 19.17 -6.80 -24.60
CA LEU A 610 20.01 -7.75 -25.29
C LEU A 610 19.20 -9.03 -25.33
N SER A 611 18.49 -9.29 -24.23
CA SER A 611 17.59 -10.43 -24.12
C SER A 611 16.37 -10.36 -25.05
N ALA A 612 16.02 -11.53 -25.58
CA ALA A 612 14.84 -11.78 -26.36
C ALA A 612 14.00 -12.72 -25.54
N GLU A 613 12.77 -12.90 -26.01
CA GLU A 613 11.84 -13.77 -25.35
C GLU A 613 11.73 -15.04 -26.14
N LYS A 614 11.95 -16.14 -25.44
CA LYS A 614 11.73 -17.50 -25.97
C LYS A 614 12.23 -17.83 -27.39
N TYR A 615 13.55 -17.88 -27.59
CA TYR A 615 14.56 -17.82 -26.53
C TYR A 615 14.78 -16.44 -25.88
N ASP A 616 15.38 -16.34 -24.68
CA ASP A 616 15.78 -17.36 -23.69
C ASP A 616 17.09 -16.90 -23.01
N VAL A 617 17.63 -17.72 -22.10
CA VAL A 617 19.02 -17.51 -21.66
C VAL A 617 19.76 -18.81 -21.96
N SER A 618 20.93 -18.81 -22.64
CA SER A 618 21.80 -17.68 -23.01
C SER A 618 22.96 -17.41 -22.05
N SER A 619 24.06 -18.16 -22.22
CA SER A 619 25.28 -17.92 -21.45
C SER A 619 25.90 -16.53 -21.58
N GLN A 620 25.93 -16.01 -22.81
CA GLN A 620 26.56 -14.72 -23.08
C GLN A 620 25.98 -13.68 -22.13
N VAL A 621 24.65 -13.64 -22.08
CA VAL A 621 23.92 -12.69 -21.24
C VAL A 621 24.27 -12.84 -19.77
N ILE A 622 24.33 -14.08 -19.29
CA ILE A 622 24.63 -14.34 -17.89
C ILE A 622 26.10 -14.11 -17.59
N SER A 623 26.94 -14.12 -18.63
CA SER A 623 28.37 -13.88 -18.45
C SER A 623 28.67 -12.38 -18.42
N GLN A 624 28.00 -11.62 -19.28
CA GLN A 624 28.14 -10.17 -19.24
C GLN A 624 27.35 -9.53 -18.09
N LEU A 625 26.52 -10.33 -17.42
CA LEU A 625 25.89 -9.89 -16.18
C LEU A 625 26.95 -9.88 -15.11
N LYS A 626 27.72 -10.96 -15.03
CA LYS A 626 28.78 -11.02 -14.03
C LYS A 626 29.91 -10.02 -14.34
N GLN A 627 30.07 -9.68 -15.62
CA GLN A 627 31.08 -8.70 -16.02
C GLN A 627 30.73 -7.31 -15.51
N LYS A 628 29.49 -6.89 -15.77
CA LYS A 628 29.00 -5.56 -15.38
C LYS A 628 29.05 -5.38 -13.86
N LEU A 629 28.67 -6.43 -13.13
CA LEU A 629 28.56 -6.33 -11.69
C LEU A 629 29.93 -6.22 -11.04
N GLU A 630 30.91 -6.91 -11.63
CA GLU A 630 32.28 -6.86 -11.15
C GLU A 630 32.84 -5.48 -11.45
N ASN A 631 32.33 -4.87 -12.52
CA ASN A 631 32.68 -3.51 -12.90
C ASN A 631 32.13 -2.50 -11.89
N LEU A 632 30.96 -2.81 -11.33
CA LEU A 632 30.28 -1.88 -10.44
C LEU A 632 30.94 -1.85 -9.06
N GLN A 633 31.23 -3.03 -8.51
CA GLN A 633 31.77 -3.18 -7.16
C GLN A 633 32.98 -2.28 -6.92
N ASN A 634 33.86 -2.23 -7.91
CA ASN A 634 34.99 -1.31 -7.86
C ASN A 634 35.01 -0.50 -9.14
N SER A 635 34.39 0.68 -9.20
CA SER A 635 33.72 1.38 -8.12
C SER A 635 32.61 2.17 -8.88
N GLN A 636 31.73 2.95 -8.23
CA GLN A 636 31.61 3.16 -6.78
C GLN A 636 30.21 2.84 -6.26
N LEU A 637 29.82 1.58 -6.40
CA LEU A 637 28.60 1.07 -5.82
C LEU A 637 28.81 1.06 -4.30
N PRO A 638 27.81 1.54 -3.52
CA PRO A 638 27.93 1.65 -2.06
C PRO A 638 28.39 0.38 -1.35
N GLU A 639 29.37 0.55 -0.47
CA GLU A 639 29.94 -0.53 0.34
C GLU A 639 28.85 -1.41 0.97
N SER A 640 27.77 -0.79 1.40
CA SER A 640 26.62 -1.53 1.90
C SER A 640 25.43 -0.55 1.86
N PHE A 641 24.22 -1.07 2.03
CA PHE A 641 23.01 -0.26 1.98
C PHE A 641 21.90 -0.97 2.77
N ARG A 642 20.92 -0.21 3.29
CA ARG A 642 19.79 -0.86 3.97
C ARG A 642 18.90 -1.44 2.87
N VAL A 643 18.33 -2.63 3.11
CA VAL A 643 17.48 -3.32 2.14
C VAL A 643 16.12 -2.64 2.12
N PRO A 644 15.71 -2.12 0.96
CA PRO A 644 14.51 -1.25 0.98
C PRO A 644 13.22 -1.90 1.49
N TYR A 645 13.05 -3.20 1.32
CA TYR A 645 11.81 -3.83 1.77
C TYR A 645 11.93 -4.32 3.18
N ASP A 646 13.12 -4.14 3.75
CA ASP A 646 13.43 -4.65 5.08
C ASP A 646 14.61 -3.89 5.64
N PRO A 647 14.34 -2.72 6.22
CA PRO A 647 15.40 -1.76 6.54
C PRO A 647 16.21 -2.08 7.80
N GLY A 648 15.90 -3.18 8.45
CA GLY A 648 16.74 -3.67 9.52
C GLY A 648 17.96 -4.43 9.01
N LEU A 649 17.93 -4.71 7.70
CA LEU A 649 18.93 -5.53 7.02
C LEU A 649 19.96 -4.74 6.21
N LYS A 650 21.25 -4.95 6.46
CA LYS A 650 22.31 -4.30 5.70
C LYS A 650 22.93 -5.28 4.69
N ALA A 651 22.74 -5.01 3.40
CA ALA A 651 23.36 -5.83 2.38
C ALA A 651 24.71 -5.27 2.08
N GLY A 652 25.69 -6.16 1.99
CA GLY A 652 27.05 -5.74 1.75
C GLY A 652 27.41 -5.80 0.29
N ALA A 653 28.56 -6.40 0.00
CA ALA A 653 29.01 -6.55 -1.38
C ALA A 653 28.33 -7.77 -1.97
N LEU A 654 28.23 -7.78 -3.29
CA LEU A 654 27.58 -8.86 -4.02
C LEU A 654 28.38 -10.14 -4.03
N ALA A 655 27.65 -11.25 -4.09
CA ALA A 655 28.26 -12.55 -4.32
C ALA A 655 28.09 -12.84 -5.80
N ILE A 656 28.95 -12.24 -6.63
CA ILE A 656 28.77 -12.19 -8.08
C ILE A 656 28.49 -13.56 -8.72
N GLU A 657 29.09 -14.61 -8.16
CA GLU A 657 28.91 -15.96 -8.69
C GLU A 657 27.49 -16.50 -8.50
N LYS A 658 26.81 -16.01 -7.47
CA LYS A 658 25.46 -16.50 -7.16
C LYS A 658 24.39 -15.67 -7.87
N CYS A 659 24.81 -14.62 -8.56
CA CYS A 659 23.91 -13.77 -9.33
C CYS A 659 23.74 -14.29 -10.74
N THR A 660 22.51 -14.31 -11.21
CA THR A 660 22.17 -14.77 -12.54
C THR A 660 21.10 -13.90 -13.13
N VAL A 661 20.68 -14.27 -14.34
CA VAL A 661 19.51 -13.71 -15.02
C VAL A 661 18.41 -14.77 -15.09
N MET A 662 17.22 -14.44 -14.64
CA MET A 662 16.13 -15.41 -14.47
C MET A 662 15.55 -15.91 -15.80
N ALA A 663 14.88 -17.05 -15.76
CA ALA A 663 14.33 -17.66 -16.96
C ALA A 663 12.91 -17.18 -17.30
N SER A 664 12.71 -15.87 -17.28
CA SER A 664 11.44 -15.29 -17.69
C SER A 664 11.64 -14.27 -18.81
N LYS A 665 10.69 -14.25 -19.75
CA LYS A 665 10.72 -13.38 -20.94
C LYS A 665 10.98 -11.89 -20.67
N LYS A 666 10.91 -11.51 -19.39
CA LYS A 666 11.08 -10.13 -18.93
C LYS A 666 12.43 -9.92 -18.22
N LYS A 667 13.27 -10.96 -18.21
CA LYS A 667 14.68 -10.88 -17.78
C LYS A 667 15.11 -10.28 -16.40
N PRO A 668 14.55 -10.74 -15.28
CA PRO A 668 14.87 -10.13 -14.00
C PRO A 668 16.22 -10.64 -13.43
N LEU A 669 16.88 -9.80 -12.64
CA LEU A 669 18.17 -10.18 -12.06
C LEU A 669 18.03 -10.80 -10.68
N TRP A 670 18.45 -12.05 -10.56
CA TRP A 670 18.57 -12.76 -9.29
C TRP A 670 19.88 -12.36 -8.62
N LEU A 671 19.83 -11.47 -7.64
CA LEU A 671 21.05 -11.03 -6.98
C LEU A 671 21.24 -11.58 -5.57
N GLU A 672 22.49 -11.86 -5.23
CA GLU A 672 22.84 -12.21 -3.87
C GLU A 672 23.92 -11.29 -3.29
N PHE A 673 23.69 -10.84 -2.08
CA PHE A 673 24.59 -9.92 -1.40
C PHE A 673 25.05 -10.55 -0.10
N LYS A 674 26.27 -10.23 0.32
CA LYS A 674 26.76 -10.69 1.61
C LYS A 674 26.14 -9.76 2.64
N CYS A 675 25.86 -10.27 3.83
CA CYS A 675 25.32 -9.43 4.90
C CYS A 675 26.42 -8.55 5.46
N ALA A 676 26.12 -7.26 5.59
CA ALA A 676 27.13 -6.29 6.01
C ALA A 676 27.27 -6.16 7.51
N ASP A 677 26.52 -6.97 8.26
CA ASP A 677 26.68 -7.03 9.70
C ASP A 677 27.55 -8.24 10.02
N PRO A 678 28.78 -7.98 10.52
CA PRO A 678 29.66 -9.11 10.81
C PRO A 678 29.24 -9.82 12.09
N THR A 679 28.38 -9.18 12.89
CA THR A 679 27.86 -9.77 14.13
C THR A 679 26.58 -10.58 13.89
N ALA A 680 26.26 -10.79 12.62
CA ALA A 680 25.17 -11.68 12.18
C ALA A 680 25.45 -13.12 12.58
N LEU A 681 24.45 -13.80 13.15
CA LEU A 681 24.63 -15.18 13.57
C LEU A 681 24.57 -16.22 12.45
N SER A 682 24.26 -15.79 11.22
CA SER A 682 24.20 -16.69 10.07
C SER A 682 25.05 -16.17 8.91
N ASN A 683 25.79 -17.07 8.27
CA ASN A 683 26.60 -16.71 7.10
C ASN A 683 25.73 -16.39 5.86
N GLU A 684 24.52 -16.93 5.87
CA GLU A 684 23.49 -16.75 4.82
C GLU A 684 23.42 -15.36 4.14
N THR A 685 23.39 -15.37 2.81
CA THR A 685 23.34 -14.13 2.03
C THR A 685 21.95 -13.51 1.87
N ILE A 686 21.94 -12.22 1.56
CA ILE A 686 20.70 -11.56 1.24
C ILE A 686 20.42 -11.67 -0.25
N GLY A 687 19.29 -12.27 -0.60
CA GLY A 687 18.95 -12.48 -2.00
C GLY A 687 17.80 -11.60 -2.44
N ILE A 688 18.01 -10.87 -3.53
CA ILE A 688 17.02 -9.91 -4.03
C ILE A 688 16.78 -10.08 -5.53
N ILE A 689 15.52 -10.14 -5.96
CA ILE A 689 15.25 -10.10 -7.39
C ILE A 689 15.00 -8.68 -7.85
N PHE A 690 15.86 -8.17 -8.74
CA PHE A 690 15.66 -6.80 -9.27
C PHE A 690 14.93 -6.88 -10.57
N LYS A 691 13.77 -6.26 -10.68
CA LYS A 691 13.01 -6.41 -11.89
C LYS A 691 12.69 -5.14 -12.65
N HIS A 692 12.68 -5.29 -13.97
CA HIS A 692 12.20 -4.31 -14.93
C HIS A 692 11.61 -5.14 -16.06
N GLY A 693 10.60 -4.65 -16.78
CA GLY A 693 9.86 -3.42 -16.53
C GLY A 693 8.41 -3.73 -16.27
N ASP A 694 8.16 -4.41 -15.16
CA ASP A 694 6.81 -4.61 -14.68
C ASP A 694 6.54 -3.43 -13.75
N ASP A 695 5.29 -3.23 -13.37
CA ASP A 695 4.97 -2.21 -12.37
C ASP A 695 4.58 -2.93 -11.09
N LEU A 696 5.45 -2.85 -10.08
CA LEU A 696 5.28 -3.56 -8.80
C LEU A 696 4.26 -2.92 -7.85
N ARG A 697 3.58 -1.88 -8.29
CA ARG A 697 2.58 -1.23 -7.44
C ARG A 697 1.44 -2.20 -7.05
N GLN A 698 0.78 -2.83 -8.02
CA GLN A 698 -0.23 -3.84 -7.75
C GLN A 698 0.22 -4.93 -6.71
N ASP A 699 1.42 -5.47 -6.85
CA ASP A 699 1.94 -6.45 -5.90
C ASP A 699 2.11 -5.86 -4.52
N MET A 700 2.79 -4.71 -4.44
CA MET A 700 2.90 -3.96 -3.19
C MET A 700 1.56 -3.87 -2.46
N LEU A 701 0.53 -3.49 -3.21
CA LEU A 701 -0.81 -3.31 -2.68
C LEU A 701 -1.36 -4.61 -2.13
N ILE A 702 -1.49 -5.62 -2.99
CA ILE A 702 -1.93 -6.98 -2.61
C ILE A 702 -1.19 -7.49 -1.36
N LEU A 703 0.14 -7.47 -1.41
CA LEU A 703 0.97 -7.90 -0.29
C LEU A 703 0.60 -7.17 1.00
N GLN A 704 0.24 -5.90 0.87
CA GLN A 704 -0.18 -5.13 2.02
C GLN A 704 -1.51 -5.63 2.58
N ILE A 705 -2.46 -5.92 1.70
CA ILE A 705 -3.75 -6.42 2.17
C ILE A 705 -3.52 -7.73 2.91
N LEU A 706 -2.73 -8.63 2.29
CA LEU A 706 -2.32 -9.90 2.92
C LEU A 706 -1.75 -9.73 4.33
N ARG A 707 -0.76 -8.85 4.51
CA ARG A 707 -0.30 -8.47 5.87
C ARG A 707 -1.43 -7.96 6.78
N ILE A 708 -2.42 -7.24 6.24
CA ILE A 708 -3.61 -6.87 7.03
C ILE A 708 -4.38 -8.13 7.48
N MET A 709 -4.61 -9.06 6.56
CA MET A 709 -5.36 -10.27 6.88
C MET A 709 -4.69 -11.09 8.00
N GLU A 710 -3.37 -11.20 7.92
CA GLU A 710 -2.62 -11.82 8.96
C GLU A 710 -2.87 -11.11 10.30
N SER A 711 -2.85 -9.79 10.30
CA SER A 711 -3.05 -9.01 11.54
C SER A 711 -4.44 -9.22 12.17
N ILE A 712 -5.49 -9.33 11.35
CA ILE A 712 -6.83 -9.68 11.81
C ILE A 712 -6.83 -11.04 12.48
N TRP A 713 -6.25 -12.01 11.78
CA TRP A 713 -6.21 -13.38 12.29
C TRP A 713 -5.48 -13.47 13.61
N GLU A 714 -4.47 -12.61 13.79
CA GLU A 714 -3.68 -12.57 15.02
C GLU A 714 -4.54 -12.23 16.23
N THR A 715 -5.46 -11.29 16.06
CA THR A 715 -6.40 -10.94 17.12
C THR A 715 -7.16 -12.20 17.58
N GLU A 716 -7.80 -12.87 16.63
CA GLU A 716 -8.57 -14.09 16.91
C GLU A 716 -7.66 -15.27 17.23
N SER A 717 -6.37 -14.98 17.45
CA SER A 717 -5.39 -15.96 17.92
C SER A 717 -5.11 -17.06 16.87
N LEU A 718 -5.21 -16.67 15.59
CA LEU A 718 -4.97 -17.56 14.46
C LEU A 718 -3.66 -17.23 13.76
N ASP A 719 -2.97 -18.27 13.32
CA ASP A 719 -1.74 -18.10 12.55
C ASP A 719 -1.85 -18.98 11.30
N LEU A 720 -2.09 -18.35 10.15
CA LEU A 720 -2.34 -19.04 8.89
C LEU A 720 -1.08 -19.16 8.03
N CYS A 721 0.06 -18.79 8.62
CA CYS A 721 1.39 -18.99 8.02
C CYS A 721 1.62 -18.36 6.64
N LEU A 722 1.06 -17.17 6.42
CA LEU A 722 1.23 -16.46 5.15
C LEU A 722 2.69 -16.06 5.00
N LEU A 723 3.15 -15.88 3.76
CA LEU A 723 4.48 -15.31 3.51
C LEU A 723 4.32 -14.14 2.57
N PRO A 724 4.08 -12.95 3.12
CA PRO A 724 4.07 -11.75 2.28
C PRO A 724 5.48 -11.21 2.16
N TYR A 725 6.32 -11.87 1.37
CA TYR A 725 7.71 -11.45 1.13
C TYR A 725 7.81 -9.98 0.71
N GLY A 726 9.00 -9.42 0.90
CA GLY A 726 9.31 -8.04 0.55
C GLY A 726 9.09 -7.71 -0.91
N CYS A 727 8.41 -6.60 -1.12
CA CYS A 727 8.28 -6.12 -2.50
C CYS A 727 8.14 -4.60 -2.53
N ILE A 728 9.12 -3.92 -3.09
CA ILE A 728 9.08 -2.47 -3.17
C ILE A 728 9.32 -1.93 -4.58
N SER A 729 8.36 -1.14 -5.06
CA SER A 729 8.55 -0.39 -6.30
C SER A 729 9.53 0.76 -6.00
N THR A 730 10.69 0.72 -6.66
CA THR A 730 11.77 1.67 -6.39
C THR A 730 11.78 2.89 -7.32
N GLY A 731 11.39 2.68 -8.58
CA GLY A 731 11.31 3.77 -9.54
C GLY A 731 10.28 3.53 -10.61
N ASP A 732 10.59 4.00 -11.82
CA ASP A 732 9.71 3.84 -12.97
C ASP A 732 9.87 2.45 -13.58
N LYS A 733 8.84 1.62 -13.37
CA LYS A 733 8.83 0.21 -13.78
C LYS A 733 10.07 -0.54 -13.27
N ILE A 734 10.52 -0.20 -12.08
CA ILE A 734 11.75 -0.76 -11.55
C ILE A 734 11.52 -0.99 -10.08
N GLY A 735 11.94 -2.15 -9.57
CA GLY A 735 11.57 -2.49 -8.21
C GLY A 735 12.35 -3.66 -7.75
N MET A 736 12.31 -3.92 -6.44
CA MET A 736 12.98 -5.11 -5.89
C MET A 736 12.10 -5.98 -4.99
N ILE A 737 12.39 -7.28 -5.07
CA ILE A 737 11.62 -8.38 -4.50
C ILE A 737 12.48 -9.26 -3.62
N GLU A 738 11.98 -9.53 -2.42
CA GLU A 738 12.66 -10.45 -1.51
C GLU A 738 12.68 -11.87 -2.06
N ILE A 739 13.86 -12.49 -2.05
CA ILE A 739 13.96 -13.92 -2.34
C ILE A 739 13.72 -14.78 -1.08
N VAL A 740 12.63 -15.54 -1.05
CA VAL A 740 12.38 -16.51 0.02
C VAL A 740 13.28 -17.75 -0.08
N LYS A 741 14.12 -17.92 0.94
CA LYS A 741 15.14 -18.98 0.94
C LYS A 741 14.51 -20.38 0.90
N ASP A 742 15.16 -21.29 0.17
CA ASP A 742 14.69 -22.66 -0.11
C ASP A 742 13.23 -22.77 -0.59
N ALA A 743 12.83 -21.88 -1.50
CA ALA A 743 11.50 -21.95 -2.12
C ALA A 743 11.60 -22.40 -3.57
N THR A 744 10.69 -23.28 -3.97
CA THR A 744 10.56 -23.65 -5.36
C THR A 744 9.13 -23.44 -5.83
N THR A 745 8.98 -23.23 -7.13
CA THR A 745 7.69 -23.12 -7.78
C THR A 745 6.98 -24.48 -7.79
N ILE A 746 5.67 -24.48 -7.59
CA ILE A 746 4.87 -25.72 -7.65
C ILE A 746 4.99 -26.38 -9.03
N ALA A 747 5.10 -25.57 -10.08
CA ALA A 747 5.22 -26.06 -11.43
C ALA A 747 6.54 -26.82 -11.64
N LYS A 748 7.61 -26.34 -11.02
CA LYS A 748 8.91 -26.97 -11.21
C LYS A 748 8.95 -28.33 -10.54
N ILE A 749 8.23 -28.46 -9.43
CA ILE A 749 8.19 -29.70 -8.67
C ILE A 749 7.47 -30.76 -9.51
N GLN A 750 6.55 -30.28 -10.33
CA GLN A 750 5.85 -31.11 -11.29
C GLN A 750 6.70 -31.39 -12.54
N GLN A 751 7.43 -30.37 -13.03
CA GLN A 751 8.32 -30.51 -14.20
C GLN A 751 9.53 -31.37 -13.90
N SER A 752 9.91 -31.45 -12.63
CA SER A 752 11.10 -32.19 -12.23
C SER A 752 11.00 -33.65 -12.67
N THR A 753 9.77 -34.16 -12.75
CA THR A 753 9.49 -35.48 -13.31
C THR A 753 9.20 -35.46 -14.82
N VAL A 754 10.18 -35.03 -15.61
CA VAL A 754 10.15 -35.14 -17.07
C VAL A 754 9.49 -33.98 -17.82
N GLY A 755 8.82 -33.10 -17.09
CA GLY A 755 8.38 -31.83 -17.64
C GLY A 755 7.55 -31.78 -18.92
N ASN A 756 6.56 -32.64 -19.09
CA ASN A 756 5.77 -32.61 -20.31
C ASN A 756 4.47 -31.80 -20.22
N THR A 757 4.63 -30.49 -20.03
CA THR A 757 3.61 -29.48 -20.29
C THR A 757 2.39 -29.43 -19.36
N GLY A 758 1.68 -30.54 -19.29
CA GLY A 758 0.39 -30.63 -18.63
C GLY A 758 0.10 -31.91 -17.89
N ALA A 759 0.97 -32.91 -18.02
CA ALA A 759 0.69 -34.18 -17.38
C ALA A 759 1.05 -34.09 -15.91
N PHE A 760 0.04 -33.99 -15.04
CA PHE A 760 0.28 -33.74 -13.62
C PHE A 760 -0.04 -34.94 -12.74
N LYS A 761 0.89 -35.30 -11.86
CA LYS A 761 0.70 -36.46 -10.99
C LYS A 761 0.53 -36.07 -9.51
N ASP A 762 -0.47 -36.64 -8.87
CA ASP A 762 -0.86 -36.31 -7.50
C ASP A 762 0.24 -36.45 -6.46
N GLU A 763 0.81 -37.65 -6.36
CA GLU A 763 1.78 -38.01 -5.32
C GLU A 763 3.04 -37.12 -5.26
N VAL A 764 3.34 -36.46 -6.38
CA VAL A 764 4.61 -35.74 -6.55
C VAL A 764 5.02 -34.71 -5.48
N LEU A 765 4.08 -33.97 -4.86
CA LEU A 765 4.48 -32.92 -3.92
C LEU A 765 4.90 -33.51 -2.60
N ASN A 766 4.15 -34.49 -2.12
CA ASN A 766 4.46 -35.19 -0.87
C ASN A 766 5.82 -35.91 -0.99
N HIS A 767 6.11 -36.38 -2.20
CA HIS A 767 7.40 -36.98 -2.52
C HIS A 767 8.53 -35.96 -2.38
N TRP A 768 8.28 -34.73 -2.84
CA TRP A 768 9.25 -33.65 -2.76
C TRP A 768 9.56 -33.26 -1.33
N LEU A 769 8.52 -33.03 -0.52
CA LEU A 769 8.68 -32.61 0.87
C LEU A 769 9.48 -33.62 1.68
N LYS A 770 9.06 -34.88 1.62
CA LYS A 770 9.70 -35.95 2.37
C LYS A 770 11.17 -36.05 2.01
N GLU A 771 11.48 -35.78 0.75
CA GLU A 771 12.84 -35.78 0.24
C GLU A 771 13.67 -34.62 0.78
N LYS A 772 13.03 -33.50 1.02
CA LYS A 772 13.74 -32.31 1.48
C LYS A 772 13.72 -32.25 3.00
N SER A 773 13.33 -33.35 3.64
CA SER A 773 13.18 -33.42 5.10
C SER A 773 14.36 -34.14 5.77
N PRO A 774 15.05 -33.43 6.68
CA PRO A 774 16.25 -34.00 7.33
C PRO A 774 15.92 -35.18 8.25
N THR A 775 14.70 -35.21 8.77
CA THR A 775 14.27 -36.28 9.64
C THR A 775 12.85 -36.68 9.27
N GLU A 776 12.25 -37.60 10.02
CA GLU A 776 10.83 -37.88 9.87
C GLU A 776 10.08 -36.78 10.61
N GLU A 777 10.72 -36.29 11.67
CA GLU A 777 10.13 -35.26 12.52
C GLU A 777 9.89 -34.01 11.71
N LYS A 778 10.91 -33.63 10.96
CA LYS A 778 10.81 -32.41 10.19
C LYS A 778 9.80 -32.55 9.06
N PHE A 779 9.55 -33.78 8.62
CA PHE A 779 8.56 -33.98 7.56
C PHE A 779 7.15 -33.70 8.08
N GLN A 780 6.82 -34.24 9.25
CA GLN A 780 5.52 -34.00 9.87
C GLN A 780 5.24 -32.52 10.07
N ALA A 781 6.29 -31.79 10.43
CA ALA A 781 6.22 -30.37 10.67
C ALA A 781 5.92 -29.64 9.37
N ALA A 782 6.51 -30.13 8.28
CA ALA A 782 6.30 -29.52 6.96
C ALA A 782 4.88 -29.71 6.47
N VAL A 783 4.33 -30.90 6.72
CA VAL A 783 2.94 -31.20 6.39
C VAL A 783 2.01 -30.30 7.20
N GLU A 784 2.29 -30.16 8.49
CA GLU A 784 1.55 -29.24 9.34
C GLU A 784 1.74 -27.79 8.89
N ARG A 785 2.95 -27.45 8.44
CA ARG A 785 3.17 -26.09 7.92
C ARG A 785 2.42 -25.87 6.61
N PHE A 786 2.36 -26.91 5.76
CA PHE A 786 1.63 -26.82 4.50
C PHE A 786 0.13 -26.70 4.69
N VAL A 787 -0.43 -27.49 5.62
CA VAL A 787 -1.85 -27.46 5.93
C VAL A 787 -2.30 -26.05 6.35
N TYR A 788 -1.51 -25.40 7.19
CA TYR A 788 -1.84 -24.04 7.64
C TYR A 788 -1.68 -23.01 6.53
N SER A 789 -0.55 -23.04 5.82
CA SER A 789 -0.24 -22.05 4.78
C SER A 789 -1.20 -22.18 3.60
N CYS A 790 -1.34 -23.39 3.09
CA CYS A 790 -2.30 -23.64 2.04
C CYS A 790 -3.69 -23.16 2.42
N ALA A 791 -4.09 -23.43 3.67
CA ALA A 791 -5.39 -22.97 4.19
C ALA A 791 -5.50 -21.46 4.09
N GLY A 792 -4.48 -20.75 4.58
CA GLY A 792 -4.49 -19.29 4.54
C GLY A 792 -4.50 -18.66 3.16
N TYR A 793 -3.73 -19.23 2.23
CA TYR A 793 -3.71 -18.68 0.89
C TYR A 793 -5.03 -18.97 0.22
N CYS A 794 -5.68 -20.07 0.59
CA CYS A 794 -7.00 -20.37 0.02
C CYS A 794 -7.98 -19.26 0.36
N VAL A 795 -8.08 -18.94 1.65
CA VAL A 795 -9.03 -17.94 2.09
C VAL A 795 -8.71 -16.55 1.54
N ALA A 796 -7.46 -16.11 1.73
CA ALA A 796 -7.06 -14.74 1.37
C ALA A 796 -7.22 -14.47 -0.13
N THR A 797 -6.91 -15.48 -0.92
CA THR A 797 -6.81 -15.34 -2.35
C THR A 797 -8.22 -15.32 -2.96
N PHE A 798 -9.14 -16.03 -2.32
CA PHE A 798 -10.53 -16.08 -2.73
C PHE A 798 -11.24 -14.73 -2.53
N VAL A 799 -11.12 -14.19 -1.31
CA VAL A 799 -11.71 -12.90 -0.96
C VAL A 799 -11.26 -11.81 -1.95
N LEU A 800 -9.98 -11.79 -2.29
CA LEU A 800 -9.44 -10.79 -3.21
C LEU A 800 -9.72 -11.08 -4.69
N GLY A 801 -10.31 -12.25 -4.97
CA GLY A 801 -10.69 -12.61 -6.33
C GLY A 801 -9.50 -12.80 -7.24
N ILE A 802 -8.39 -13.22 -6.65
CA ILE A 802 -7.17 -13.52 -7.37
C ILE A 802 -6.78 -15.00 -7.17
N GLY A 803 -7.80 -15.84 -6.97
CA GLY A 803 -7.60 -17.24 -6.67
C GLY A 803 -7.28 -18.15 -7.84
N ASP A 804 -7.84 -17.85 -9.01
CA ASP A 804 -7.56 -18.64 -10.22
C ASP A 804 -6.17 -18.38 -10.82
N ARG A 805 -5.17 -19.09 -10.29
CA ARG A 805 -3.78 -18.95 -10.68
C ARG A 805 -3.15 -20.17 -11.33
N HIS A 806 -2.14 -19.95 -12.17
CA HIS A 806 -1.30 -21.05 -12.67
C HIS A 806 -0.41 -21.60 -11.57
N ASN A 807 -0.01 -22.86 -11.75
CA ASN A 807 0.80 -23.64 -10.81
C ASN A 807 2.08 -22.88 -10.60
N ASP A 808 2.43 -22.12 -11.62
CA ASP A 808 3.65 -21.35 -11.72
C ASP A 808 3.82 -20.29 -10.63
N ASN A 809 2.74 -19.62 -10.24
CA ASN A 809 2.85 -18.51 -9.31
C ASN A 809 2.52 -18.92 -7.90
N ILE A 810 2.52 -20.23 -7.65
CA ILE A 810 2.36 -20.74 -6.30
C ILE A 810 3.70 -21.37 -5.92
N MET A 811 4.23 -20.99 -4.78
CA MET A 811 5.52 -21.52 -4.38
C MET A 811 5.47 -22.19 -3.03
N ILE A 812 6.55 -22.88 -2.74
CA ILE A 812 6.65 -23.64 -1.51
C ILE A 812 8.09 -23.73 -1.00
N THR A 813 8.26 -23.42 0.28
CA THR A 813 9.54 -23.56 0.95
C THR A 813 9.81 -25.04 1.31
N GLU A 814 11.07 -25.43 1.37
CA GLU A 814 11.41 -26.80 1.74
C GLU A 814 10.88 -27.19 3.13
N THR A 815 10.49 -26.20 3.93
CA THR A 815 9.86 -26.43 5.24
C THR A 815 8.33 -26.50 5.22
N GLY A 816 7.76 -26.68 4.04
CA GLY A 816 6.32 -26.80 3.86
C GLY A 816 5.54 -25.50 3.80
N ASN A 817 6.16 -24.36 3.55
CA ASN A 817 5.37 -23.12 3.56
C ASN A 817 4.97 -22.76 2.16
N LEU A 818 3.67 -22.87 1.85
CA LEU A 818 3.14 -22.50 0.52
C LEU A 818 2.92 -20.99 0.50
N PHE A 819 3.13 -20.35 -0.64
CA PHE A 819 2.92 -18.91 -0.78
C PHE A 819 2.81 -18.51 -2.22
N HIS A 820 1.90 -17.58 -2.49
CA HIS A 820 1.59 -17.10 -3.84
C HIS A 820 2.51 -15.96 -4.23
N ILE A 821 2.82 -15.85 -5.50
CA ILE A 821 3.70 -14.79 -5.97
C ILE A 821 3.13 -14.15 -7.23
N ASP A 822 3.72 -13.02 -7.65
CA ASP A 822 3.40 -12.35 -8.94
C ASP A 822 2.10 -11.66 -9.41
N PHE A 823 1.48 -10.86 -8.55
CA PHE A 823 0.24 -10.17 -8.88
C PHE A 823 0.49 -9.05 -9.88
N GLY A 824 1.63 -9.11 -10.56
CA GLY A 824 1.98 -8.10 -11.55
C GLY A 824 1.00 -8.06 -12.71
N HIS A 825 0.58 -9.23 -13.16
CA HIS A 825 -0.36 -9.34 -14.27
C HIS A 825 -1.70 -8.69 -13.93
N ILE A 826 -2.15 -8.91 -12.70
CA ILE A 826 -3.41 -8.34 -12.24
C ILE A 826 -3.22 -7.53 -10.96
N GLU A 839 -13.31 -21.40 -18.14
CA GLU A 839 -13.69 -22.00 -16.87
C GLU A 839 -12.98 -21.36 -15.69
N ARG A 840 -13.49 -21.61 -14.48
CA ARG A 840 -12.97 -20.95 -13.29
C ARG A 840 -12.80 -21.93 -12.10
N VAL A 841 -12.07 -21.48 -11.10
CA VAL A 841 -11.89 -22.21 -9.84
C VAL A 841 -11.73 -21.16 -8.73
N PRO A 842 -12.27 -21.42 -7.52
CA PRO A 842 -12.21 -20.36 -6.50
C PRO A 842 -10.79 -20.12 -5.96
N PHE A 843 -10.04 -21.19 -5.71
CA PHE A 843 -8.65 -21.08 -5.32
C PHE A 843 -8.00 -22.36 -5.76
N VAL A 844 -6.68 -22.37 -5.81
CA VAL A 844 -5.93 -23.56 -6.17
C VAL A 844 -5.86 -24.54 -5.01
N LEU A 845 -6.58 -25.65 -5.14
CA LEU A 845 -6.59 -26.72 -4.15
C LEU A 845 -6.57 -27.99 -4.95
N THR A 846 -5.41 -28.29 -5.53
CA THR A 846 -5.23 -29.35 -6.54
C THR A 846 -4.95 -30.74 -5.93
N PRO A 847 -5.03 -31.82 -6.73
CA PRO A 847 -4.91 -33.13 -6.10
C PRO A 847 -3.52 -33.45 -5.53
N ASP A 848 -2.55 -32.61 -5.86
CA ASP A 848 -1.21 -32.78 -5.31
C ASP A 848 -1.22 -32.24 -3.89
N PHE A 849 -2.04 -31.20 -3.66
CA PHE A 849 -2.17 -30.59 -2.33
C PHE A 849 -3.02 -31.48 -1.45
N LEU A 850 -4.05 -32.10 -2.03
CA LEU A 850 -4.95 -32.93 -1.26
C LEU A 850 -4.29 -34.24 -0.89
N PHE A 851 -3.29 -34.66 -1.66
CA PHE A 851 -2.55 -35.89 -1.38
C PHE A 851 -1.58 -35.71 -0.21
N VAL A 852 -1.03 -34.51 -0.05
CA VAL A 852 -0.19 -34.20 1.08
C VAL A 852 -1.00 -34.32 2.36
N MET A 853 -2.27 -33.91 2.30
CA MET A 853 -3.16 -33.99 3.45
C MET A 853 -3.77 -35.38 3.58
N GLY A 854 -3.55 -36.21 2.57
CA GLY A 854 -3.95 -37.61 2.60
C GLY A 854 -5.30 -37.91 1.97
N THR A 855 -5.57 -37.29 0.83
CA THR A 855 -6.82 -37.51 0.12
C THR A 855 -6.60 -37.68 -1.38
N SER A 856 -7.12 -38.77 -1.93
CA SER A 856 -6.96 -39.07 -3.35
C SER A 856 -8.32 -39.11 -4.03
N GLY A 857 -9.09 -38.05 -3.84
CA GLY A 857 -10.40 -37.94 -4.47
C GLY A 857 -11.52 -38.42 -3.56
N LYS A 858 -12.27 -37.46 -3.02
CA LYS A 858 -13.40 -37.70 -2.12
C LYS A 858 -13.11 -38.75 -1.04
N LYS A 859 -12.23 -38.37 -0.12
CA LYS A 859 -11.85 -39.19 1.02
C LYS A 859 -11.49 -38.23 2.15
N THR A 860 -12.16 -38.34 3.29
CA THR A 860 -11.95 -37.37 4.36
C THR A 860 -10.97 -37.88 5.41
N SER A 861 -9.75 -37.36 5.34
CA SER A 861 -8.66 -37.76 6.23
C SER A 861 -8.51 -36.76 7.40
N PRO A 862 -7.66 -37.08 8.39
CA PRO A 862 -7.52 -36.13 9.52
C PRO A 862 -6.89 -34.77 9.15
N HIS A 863 -5.88 -34.76 8.29
CA HIS A 863 -5.26 -33.50 7.86
C HIS A 863 -6.24 -32.74 6.99
N PHE A 864 -7.00 -33.47 6.15
CA PHE A 864 -7.96 -32.80 5.30
C PHE A 864 -9.10 -32.16 6.11
N GLN A 865 -9.47 -32.80 7.21
CA GLN A 865 -10.46 -32.26 8.14
C GLN A 865 -9.96 -30.97 8.80
N LYS A 866 -8.66 -30.94 9.09
CA LYS A 866 -7.99 -29.80 9.70
C LYS A 866 -8.11 -28.60 8.80
N PHE A 867 -7.78 -28.81 7.52
CA PHE A 867 -7.81 -27.77 6.50
C PHE A 867 -9.17 -27.07 6.42
N GLN A 868 -10.24 -27.87 6.38
CA GLN A 868 -11.62 -27.35 6.33
C GLN A 868 -11.93 -26.52 7.56
N ASP A 869 -11.53 -27.06 8.71
CA ASP A 869 -11.64 -26.37 9.99
C ASP A 869 -10.95 -24.98 10.03
N ILE A 870 -9.64 -24.95 9.74
CA ILE A 870 -8.88 -23.70 9.74
C ILE A 870 -9.44 -22.74 8.71
N CYS A 871 -9.89 -23.26 7.57
CA CYS A 871 -10.43 -22.42 6.50
C CYS A 871 -11.63 -21.63 7.01
N VAL A 872 -12.61 -22.35 7.53
CA VAL A 872 -13.82 -21.74 8.05
C VAL A 872 -13.53 -20.71 9.15
N LYS A 873 -12.73 -21.10 10.13
CA LYS A 873 -12.29 -20.18 11.17
C LYS A 873 -11.65 -18.94 10.57
N ALA A 874 -10.77 -19.14 9.59
CA ALA A 874 -10.10 -18.02 8.91
C ALA A 874 -11.05 -17.15 8.11
N TYR A 875 -12.04 -17.79 7.48
CA TYR A 875 -13.01 -17.08 6.64
C TYR A 875 -14.04 -16.26 7.43
N LEU A 876 -14.48 -16.81 8.55
CA LEU A 876 -15.36 -16.09 9.45
C LEU A 876 -14.64 -14.88 10.05
N ALA A 877 -13.39 -15.08 10.48
CA ALA A 877 -12.62 -14.00 11.12
C ALA A 877 -12.46 -12.82 10.18
N LEU A 878 -12.30 -13.10 8.89
CA LEU A 878 -12.23 -12.07 7.88
C LEU A 878 -13.56 -11.34 7.72
N ARG A 879 -14.65 -12.09 7.79
CA ARG A 879 -15.97 -11.48 7.58
C ARG A 879 -16.35 -10.48 8.66
N HIS A 880 -15.81 -10.64 9.86
CA HIS A 880 -16.03 -9.63 10.90
C HIS A 880 -15.33 -8.31 10.57
N HIS A 881 -14.70 -8.24 9.39
CA HIS A 881 -14.05 -7.04 8.92
C HIS A 881 -14.41 -6.80 7.48
N THR A 882 -15.68 -7.10 7.14
CA THR A 882 -16.17 -6.95 5.78
C THR A 882 -16.02 -5.51 5.30
N ASN A 883 -16.54 -4.59 6.08
CA ASN A 883 -16.42 -3.18 5.74
C ASN A 883 -14.98 -2.70 5.50
N LEU A 884 -14.03 -3.11 6.34
CA LEU A 884 -12.61 -2.80 6.11
C LEU A 884 -12.11 -3.36 4.77
N LEU A 885 -12.31 -4.65 4.54
CA LEU A 885 -11.84 -5.28 3.33
C LEU A 885 -12.42 -4.65 2.07
N ILE A 886 -13.72 -4.38 2.10
CA ILE A 886 -14.44 -3.81 0.95
C ILE A 886 -13.79 -2.49 0.56
N ILE A 887 -13.59 -1.63 1.56
CA ILE A 887 -13.00 -0.31 1.39
C ILE A 887 -11.51 -0.35 0.97
N LEU A 888 -10.73 -1.24 1.59
CA LEU A 888 -9.35 -1.47 1.19
C LEU A 888 -9.28 -1.90 -0.28
N PHE A 889 -10.27 -2.65 -0.72
CA PHE A 889 -10.30 -3.18 -2.08
C PHE A 889 -10.83 -2.13 -3.09
N SER A 890 -11.81 -1.33 -2.68
CA SER A 890 -12.36 -0.34 -3.55
C SER A 890 -11.26 0.69 -3.81
N MET A 891 -10.49 0.98 -2.77
CA MET A 891 -9.44 1.96 -2.91
C MET A 891 -8.30 1.38 -3.74
N MET A 892 -8.02 0.09 -3.56
CA MET A 892 -6.93 -0.58 -4.26
C MET A 892 -7.13 -0.48 -5.76
N LEU A 893 -8.37 -0.66 -6.21
CA LEU A 893 -8.73 -0.50 -7.62
C LEU A 893 -8.64 0.93 -8.15
N MET A 894 -9.12 1.91 -7.40
CA MET A 894 -9.11 3.29 -7.87
C MET A 894 -7.71 3.92 -7.98
N THR A 895 -6.82 3.56 -7.07
CA THR A 895 -5.48 4.12 -7.05
C THR A 895 -4.41 3.12 -7.54
N GLY A 896 -4.85 1.95 -8.00
CA GLY A 896 -3.95 0.89 -8.41
C GLY A 896 -4.00 0.49 -9.89
N MET A 897 -5.19 0.54 -10.49
CA MET A 897 -5.43 0.07 -11.86
C MET A 897 -5.86 1.14 -12.88
N PRO A 898 -5.44 0.94 -14.20
CA PRO A 898 -5.72 2.10 -15.10
C PRO A 898 -7.17 2.51 -15.38
N GLN A 899 -8.09 1.59 -15.67
CA GLN A 899 -9.51 1.97 -15.77
C GLN A 899 -10.46 0.85 -15.33
N LEU A 900 -11.27 1.14 -14.33
CA LEU A 900 -12.17 0.16 -13.73
C LEU A 900 -13.59 0.68 -13.50
N THR A 901 -14.50 -0.23 -13.16
CA THR A 901 -15.91 0.12 -12.94
C THR A 901 -16.17 0.33 -11.46
N SER A 902 -16.43 1.58 -11.07
CA SER A 902 -16.71 1.95 -9.67
C SER A 902 -17.94 1.24 -9.11
N LYS A 903 -18.73 0.68 -10.02
CA LYS A 903 -19.91 -0.10 -9.68
C LYS A 903 -19.49 -1.57 -9.73
N GLU A 904 -19.40 -2.08 -10.96
CA GLU A 904 -19.23 -3.50 -11.26
C GLU A 904 -17.96 -4.16 -10.71
N ASP A 905 -16.81 -3.54 -10.91
CA ASP A 905 -15.53 -4.17 -10.54
C ASP A 905 -15.40 -4.49 -9.05
N ILE A 906 -16.03 -3.67 -8.19
CA ILE A 906 -15.94 -3.92 -6.75
C ILE A 906 -16.85 -5.06 -6.27
N GLU A 907 -18.00 -5.27 -6.90
CA GLU A 907 -19.01 -6.09 -6.27
C GLU A 907 -18.46 -7.46 -5.86
N TYR A 908 -17.53 -7.99 -6.65
CA TYR A 908 -17.04 -9.37 -6.45
C TYR A 908 -16.85 -9.69 -4.97
N ILE A 909 -16.12 -8.82 -4.28
CA ILE A 909 -15.84 -8.95 -2.85
C ILE A 909 -17.09 -9.02 -1.93
N ARG A 910 -18.15 -8.32 -2.32
CA ARG A 910 -19.47 -8.40 -1.66
C ARG A 910 -20.03 -9.83 -1.71
N ASP A 911 -20.04 -10.40 -2.92
CA ASP A 911 -20.43 -11.77 -3.13
C ASP A 911 -19.50 -12.69 -2.37
N ALA A 912 -18.20 -12.57 -2.63
CA ALA A 912 -17.17 -13.40 -2.02
C ALA A 912 -17.26 -13.44 -0.50
N LEU A 913 -17.41 -12.25 0.10
CA LEU A 913 -17.50 -12.11 1.54
C LEU A 913 -18.85 -12.53 2.10
N THR A 914 -19.77 -12.81 1.20
CA THR A 914 -21.05 -13.39 1.57
C THR A 914 -21.80 -12.37 2.47
N VAL A 915 -21.87 -11.14 1.95
CA VAL A 915 -22.56 -10.04 2.62
C VAL A 915 -24.01 -10.37 2.89
N GLY A 916 -24.42 -10.18 4.14
CA GLY A 916 -25.81 -10.34 4.54
C GLY A 916 -26.20 -11.79 4.67
N LYS A 917 -25.29 -12.61 5.18
CA LYS A 917 -25.54 -14.03 5.32
C LYS A 917 -25.08 -14.49 6.70
N ASN A 918 -25.79 -15.44 7.29
CA ASN A 918 -25.49 -15.93 8.64
C ASN A 918 -24.30 -16.86 8.62
N GLU A 919 -23.60 -16.94 9.76
CA GLU A 919 -22.31 -17.64 9.84
C GLU A 919 -22.38 -19.12 9.46
N GLU A 920 -23.58 -19.69 9.48
CA GLU A 920 -23.77 -21.08 9.09
C GLU A 920 -23.97 -21.22 7.59
N ASP A 921 -24.40 -20.14 6.94
CA ASP A 921 -24.52 -20.13 5.49
C ASP A 921 -23.14 -19.91 4.91
N ALA A 922 -22.34 -19.14 5.63
CA ALA A 922 -20.98 -18.82 5.23
C ALA A 922 -20.05 -20.02 5.39
N LYS A 923 -20.22 -20.76 6.49
CA LYS A 923 -19.50 -22.00 6.71
C LYS A 923 -19.68 -22.87 5.48
N LYS A 924 -20.94 -23.04 5.07
CA LYS A 924 -21.29 -23.85 3.92
C LYS A 924 -20.73 -23.27 2.63
N TYR A 925 -20.95 -21.96 2.42
CA TYR A 925 -20.54 -21.30 1.18
C TYR A 925 -19.06 -21.54 0.85
N PHE A 926 -18.22 -21.52 1.88
CA PHE A 926 -16.79 -21.76 1.67
C PHE A 926 -16.51 -23.26 1.48
N LEU A 927 -17.15 -24.09 2.29
CA LEU A 927 -17.01 -25.55 2.16
C LEU A 927 -17.46 -26.01 0.78
N ASP A 928 -18.40 -25.28 0.19
CA ASP A 928 -18.84 -25.54 -1.19
C ASP A 928 -17.74 -25.22 -2.20
N GLN A 929 -17.06 -24.09 -1.98
CA GLN A 929 -15.97 -23.68 -2.85
C GLN A 929 -14.85 -24.71 -2.82
N ILE A 930 -14.63 -25.29 -1.64
CA ILE A 930 -13.66 -26.39 -1.48
C ILE A 930 -14.05 -27.57 -2.38
N GLU A 931 -15.34 -27.86 -2.48
CA GLU A 931 -15.83 -28.99 -3.29
C GLU A 931 -15.73 -28.72 -4.80
N VAL A 932 -15.77 -27.46 -5.20
CA VAL A 932 -15.60 -27.13 -6.61
C VAL A 932 -14.16 -27.42 -7.03
N CYS A 933 -13.22 -27.00 -6.19
CA CYS A 933 -11.79 -27.31 -6.35
C CYS A 933 -11.52 -28.80 -6.54
N ARG A 934 -12.26 -29.62 -5.80
CA ARG A 934 -12.08 -31.05 -5.76
C ARG A 934 -12.85 -31.65 -6.93
N ASP A 935 -13.85 -30.93 -7.40
CA ASP A 935 -14.62 -31.38 -8.55
C ASP A 935 -13.82 -31.18 -9.84
N LYS A 936 -13.25 -29.99 -9.96
CA LYS A 936 -12.49 -29.58 -11.14
C LYS A 936 -11.24 -30.43 -11.27
N GLY A 937 -10.63 -30.71 -10.13
CA GLY A 937 -9.38 -31.44 -10.12
C GLY A 937 -8.31 -30.68 -10.88
N TRP A 938 -7.69 -31.37 -11.83
CA TRP A 938 -6.51 -30.87 -12.52
C TRP A 938 -6.92 -30.08 -13.74
N THR A 939 -8.22 -29.91 -13.94
CA THR A 939 -8.68 -29.37 -15.21
C THR A 939 -8.29 -27.91 -15.47
N VAL A 940 -8.43 -27.06 -14.46
CA VAL A 940 -8.13 -25.65 -14.59
C VAL A 940 -6.63 -25.42 -14.76
N GLN A 941 -5.84 -26.20 -14.03
CA GLN A 941 -4.38 -26.15 -14.17
C GLN A 941 -3.94 -26.59 -15.55
N PHE A 942 -4.64 -27.60 -16.09
CA PHE A 942 -4.36 -28.13 -17.41
C PHE A 942 -4.57 -27.09 -18.50
N ASN A 943 -5.72 -26.43 -18.50
CA ASN A 943 -5.98 -25.40 -19.50
C ASN A 943 -5.07 -24.19 -19.36
N TRP A 944 -4.66 -23.89 -18.13
CA TRP A 944 -3.80 -22.73 -17.86
C TRP A 944 -2.54 -22.72 -18.74
N PHE A 945 -1.88 -23.86 -18.87
CA PHE A 945 -0.67 -23.90 -19.69
C PHE A 945 -0.98 -24.19 -21.14
N LEU A 946 -2.19 -24.67 -21.40
CA LEU A 946 -2.51 -25.19 -22.71
C LEU A 946 -2.76 -24.11 -23.75
N HIS A 947 -3.62 -23.15 -23.41
CA HIS A 947 -4.12 -22.17 -24.37
C HIS A 947 -3.02 -21.33 -25.03
N LEU A 948 -1.92 -21.08 -24.30
CA LEU A 948 -0.85 -20.19 -24.76
C LEU A 948 -0.06 -20.55 -26.05
N VAL A 949 0.37 -21.81 -26.21
CA VAL A 949 0.74 -22.31 -27.51
C VAL A 949 -0.32 -23.30 -27.99
N 0SD B . 13.32 -20.18 -8.96
C 0SD B . 16.30 -19.77 -13.34
O 0SD B . 11.43 -15.88 -3.21
C1 0SD B . 16.60 -19.93 -11.87
N1 0SD B . 11.27 -17.58 -7.78
O1 0SD B . 17.59 -18.93 -11.53
C2 0SD B . 17.21 -21.29 -11.60
N2 0SD B . 9.56 -14.33 -7.62
C3 0SD B . 15.36 -19.66 -10.99
N3 0SD B . 9.42 -15.18 -9.84
C4 0SD B . 14.25 -20.68 -11.19
N4 0SD B . 6.42 -11.46 -6.87
C5 0SD B . 13.02 -20.26 -10.39
N5 0SD B . 6.17 -10.81 -8.04
C6 0SD B . 14.40 -19.21 -8.75
N6 0SD B . 10.64 -15.54 -5.89
C7 0SD B . 15.66 -19.60 -9.50
C8 0SD B . 12.12 -19.80 -8.19
C9 0SD B . 11.49 -18.53 -8.69
C10 0SD B . 11.09 -18.40 -10.01
C11 0SD B . 10.42 -17.29 -10.38
C12 0SD B . 10.14 -16.28 -9.44
C13 0SD B . 10.58 -16.43 -8.10
C14 0SD B . 10.24 -15.38 -7.22
C15 0SD B . 9.18 -14.27 -8.91
C16 0SD B . 8.40 -13.12 -9.41
C17 0SD B . 8.47 -12.79 -10.75
C18 0SD B . 7.73 -11.74 -11.25
C19 0SD B . 6.92 -11.00 -10.41
C20 0SD B . 6.86 -11.34 -9.06
C21 0SD B . 7.61 -12.41 -8.54
C22 0SD B . 7.28 -12.42 -7.17
C23 0SD B . 10.26 -14.58 -4.86
C24 0SD B . 10.20 -15.26 -3.53
C25 0SD B . 11.76 -16.85 -4.20
C26 0SD B . 11.88 -16.23 -5.55
#